data_2NYT
#
_entry.id   2NYT
#
_cell.length_a   37.841
_cell.length_b   89.410
_cell.length_c   245.770
_cell.angle_alpha   90.00
_cell.angle_beta   90.00
_cell.angle_gamma   90.00
#
_symmetry.space_group_name_H-M   'P 21 21 21'
#
loop_
_entity.id
_entity.type
_entity.pdbx_description
1 polymer 'Probable C->U-editing enzyme APOBEC-2'
2 non-polymer 'ZINC ION'
3 water water
#
_entity_poly.entity_id   1
_entity_poly.type   'polypeptide(L)'
_entity_poly.pdbx_seq_one_letter_code
;GSGGGMIVTGERLPANFFKFQFRNVEYSSGRNKTFLCYVVEAQGKGGQVQASRGYLEDEHAAAHAEEAFFNTILPAFDPA
LRYNVTWYVSSSPCAACADRIIKTLSKTKNLRLLILVGRLFMWEEPEIQAALKKLKEAGCKLRIMKPQDFEYVWQNFVEQ
EEGESKAFQPWEDIQENFLYYEEKLADILK
;
_entity_poly.pdbx_strand_id   A,B,C,D
#
loop_
_chem_comp.id
_chem_comp.type
_chem_comp.name
_chem_comp.formula
ZN non-polymer 'ZINC ION' 'Zn 2'
#
# COMPACT_ATOMS: atom_id res chain seq x y z
N SER A 2 32.78 16.68 3.94
CA SER A 2 33.20 15.47 3.18
C SER A 2 32.24 14.31 3.37
N GLY A 3 32.49 13.50 4.41
CA GLY A 3 31.64 12.36 4.70
C GLY A 3 32.32 11.30 5.55
N GLY A 4 31.72 11.00 6.71
CA GLY A 4 32.30 10.01 7.61
C GLY A 4 31.56 8.70 7.69
N GLY A 5 32.07 7.77 8.48
CA GLY A 5 31.40 6.49 8.59
C GLY A 5 30.18 6.57 9.48
N MET A 6 29.41 5.48 9.53
CA MET A 6 28.23 5.43 10.40
C MET A 6 27.50 4.10 10.20
N ILE A 7 26.94 3.93 9.02
CA ILE A 7 26.22 2.72 8.66
C ILE A 7 27.18 1.65 8.20
N VAL A 8 27.21 0.52 8.91
CA VAL A 8 28.07 -0.61 8.53
C VAL A 8 27.26 -1.59 7.69
N THR A 9 27.67 -1.81 6.43
CA THR A 9 26.99 -2.73 5.53
C THR A 9 27.96 -3.54 4.70
N GLY A 10 27.47 -4.65 4.15
CA GLY A 10 28.29 -5.49 3.33
C GLY A 10 28.24 -5.09 1.87
N GLU A 11 27.11 -4.53 1.46
CA GLU A 11 26.96 -4.12 0.07
C GLU A 11 28.08 -3.14 -0.30
N ARG A 12 28.61 -3.27 -1.51
CA ARG A 12 29.68 -2.41 -1.96
C ARG A 12 29.20 -1.35 -2.95
N LEU A 13 28.33 -1.75 -3.88
CA LEU A 13 27.79 -0.86 -4.90
C LEU A 13 26.63 -0.01 -4.40
N PRO A 14 26.65 1.30 -4.69
CA PRO A 14 25.60 2.24 -4.27
C PRO A 14 24.22 1.78 -4.73
N ALA A 15 24.11 1.49 -6.02
CA ALA A 15 22.85 1.04 -6.61
C ALA A 15 22.22 -0.10 -5.87
N ASN A 16 23.02 -1.07 -5.47
CA ASN A 16 22.50 -2.21 -4.71
C ASN A 16 22.06 -1.77 -3.31
N PHE A 17 22.86 -0.92 -2.66
CA PHE A 17 22.52 -0.47 -1.31
C PHE A 17 21.17 0.23 -1.26
N PHE A 18 21.04 1.30 -2.06
CA PHE A 18 19.80 2.08 -2.10
C PHE A 18 18.59 1.33 -2.63
N LYS A 19 18.80 0.24 -3.37
CA LYS A 19 17.68 -0.52 -3.90
C LYS A 19 17.21 -1.67 -3.00
N PHE A 20 18.02 -2.06 -2.03
CA PHE A 20 17.67 -3.16 -1.13
C PHE A 20 17.82 -2.81 0.36
N GLN A 21 19.06 -2.65 0.83
CA GLN A 21 19.31 -2.35 2.22
C GLN A 21 18.69 -1.03 2.67
N PHE A 22 18.57 -0.09 1.74
CA PHE A 22 18.02 1.21 2.06
C PHE A 22 16.50 1.24 2.09
N ARG A 23 15.86 0.12 1.77
CA ARG A 23 14.40 0.09 1.72
C ARG A 23 13.69 0.24 3.05
N ASN A 24 12.65 1.05 3.05
CA ASN A 24 11.87 1.29 4.26
C ASN A 24 10.41 1.00 3.93
N VAL A 25 9.92 -0.15 4.38
CA VAL A 25 8.55 -0.57 4.13
C VAL A 25 7.55 0.28 4.90
N GLU A 26 6.50 0.70 4.20
CA GLU A 26 5.43 1.53 4.78
C GLU A 26 4.08 0.84 4.64
N TYR A 27 4.08 -0.48 4.45
CA TYR A 27 2.84 -1.22 4.30
C TYR A 27 1.87 -0.96 5.44
N SER A 28 0.67 -0.52 5.07
CA SER A 28 -0.39 -0.22 6.02
C SER A 28 -0.60 -1.28 7.11
N SER A 29 -0.16 -2.51 6.87
CA SER A 29 -0.34 -3.58 7.85
C SER A 29 0.94 -4.38 8.07
N GLY A 30 0.95 -5.19 9.12
CA GLY A 30 2.10 -6.00 9.44
C GLY A 30 3.23 -5.23 10.07
N ARG A 31 4.33 -5.93 10.35
CA ARG A 31 5.49 -5.32 10.96
C ARG A 31 6.70 -5.65 10.11
N ASN A 32 6.85 -4.94 8.98
CA ASN A 32 7.95 -5.18 8.06
C ASN A 32 9.22 -4.50 8.53
N LYS A 33 10.18 -4.33 7.62
CA LYS A 33 11.44 -3.72 7.95
C LYS A 33 11.40 -2.20 7.82
N THR A 34 12.34 -1.54 8.46
CA THR A 34 12.39 -0.10 8.41
C THR A 34 13.82 0.39 8.27
N PHE A 35 14.00 1.56 7.66
CA PHE A 35 15.33 2.12 7.48
C PHE A 35 15.18 3.65 7.38
N LEU A 36 16.11 4.40 7.97
CA LEU A 36 16.01 5.86 7.92
C LEU A 36 17.27 6.58 8.37
N CYS A 37 17.79 7.46 7.52
CA CYS A 37 18.95 8.27 7.87
C CYS A 37 18.44 9.64 8.20
N TYR A 38 19.13 10.34 9.10
CA TYR A 38 18.68 11.69 9.48
C TYR A 38 19.80 12.67 9.79
N VAL A 39 19.42 13.92 9.93
CA VAL A 39 20.33 15.00 10.26
C VAL A 39 19.61 15.99 11.14
N VAL A 40 20.20 16.33 12.27
CA VAL A 40 19.58 17.30 13.18
C VAL A 40 20.51 18.48 13.45
N GLU A 41 19.94 19.68 13.40
CA GLU A 41 20.70 20.91 13.66
C GLU A 41 19.83 21.88 14.42
N ALA A 42 20.21 22.18 15.66
CA ALA A 42 19.45 23.11 16.51
C ALA A 42 20.25 24.37 16.78
N GLN A 43 19.59 25.51 16.65
CA GLN A 43 20.21 26.82 16.88
C GLN A 43 19.47 27.53 18.02
N GLY A 44 20.22 28.22 18.87
CA GLY A 44 19.61 28.93 19.98
C GLY A 44 20.24 30.30 20.15
N LYS A 45 19.39 31.32 20.25
CA LYS A 45 19.86 32.70 20.40
C LYS A 45 20.58 32.83 21.75
N GLY A 46 21.87 32.53 21.75
CA GLY A 46 22.66 32.62 22.97
C GLY A 46 23.98 31.87 22.88
N GLY A 47 24.26 31.37 21.67
CA GLY A 47 25.48 30.62 21.45
C GLY A 47 25.30 29.11 21.60
N GLN A 48 24.06 28.67 21.79
CA GLN A 48 23.75 27.26 21.94
C GLN A 48 23.62 26.61 20.55
N VAL A 49 24.41 25.58 20.29
CA VAL A 49 24.34 24.92 19.00
C VAL A 49 24.49 23.40 19.13
N GLN A 50 23.60 22.67 18.48
CA GLN A 50 23.66 21.21 18.49
C GLN A 50 23.44 20.67 17.10
N ALA A 51 24.36 19.86 16.58
CA ALA A 51 24.21 19.28 15.25
C ALA A 51 24.69 17.83 15.23
N SER A 52 23.76 16.89 15.19
CA SER A 52 24.15 15.49 15.18
C SER A 52 23.71 14.87 13.87
N ARG A 53 24.14 13.64 13.62
CA ARG A 53 23.77 12.95 12.39
C ARG A 53 23.87 11.46 12.58
N GLY A 54 22.90 10.73 12.06
CA GLY A 54 22.93 9.29 12.21
C GLY A 54 21.88 8.57 11.39
N TYR A 55 21.55 7.34 11.78
CA TYR A 55 20.58 6.55 11.05
C TYR A 55 19.95 5.48 11.94
N LEU A 56 18.90 4.84 11.43
CA LEU A 56 18.19 3.84 12.19
C LEU A 56 17.60 2.79 11.26
N GLU A 57 17.65 1.52 11.65
CA GLU A 57 17.10 0.44 10.84
C GLU A 57 16.61 -0.72 11.67
N ASP A 58 15.76 -1.55 11.10
CA ASP A 58 15.22 -2.72 11.80
C ASP A 58 14.76 -3.75 10.78
N GLU A 59 14.93 -5.03 11.11
CA GLU A 59 14.52 -6.10 10.20
C GLU A 59 13.01 -6.26 10.25
N HIS A 60 12.46 -6.24 11.45
CA HIS A 60 11.02 -6.40 11.62
C HIS A 60 10.56 -5.50 12.75
N ALA A 61 10.52 -4.20 12.48
CA ALA A 61 10.10 -3.23 13.48
C ALA A 61 8.59 -3.16 13.61
N ALA A 62 8.12 -2.99 14.83
CA ALA A 62 6.69 -2.89 15.10
C ALA A 62 6.18 -1.55 14.60
N ALA A 63 6.98 -0.52 14.81
CA ALA A 63 6.61 0.82 14.36
C ALA A 63 7.42 1.21 13.13
N HIS A 64 6.87 2.12 12.34
CA HIS A 64 7.55 2.60 11.15
C HIS A 64 8.65 3.62 11.50
N ALA A 65 9.60 3.80 10.57
CA ALA A 65 10.71 4.72 10.76
C ALA A 65 10.24 6.04 11.35
N GLU A 66 9.16 6.58 10.79
CA GLU A 66 8.63 7.85 11.26
C GLU A 66 8.32 7.83 12.75
N GLU A 67 7.76 6.73 13.23
CA GLU A 67 7.41 6.63 14.64
C GLU A 67 8.64 6.51 15.51
N ALA A 68 9.49 5.53 15.22
CA ALA A 68 10.69 5.30 16.00
C ALA A 68 11.52 6.57 16.21
N PHE A 69 11.55 7.43 15.20
CA PHE A 69 12.33 8.66 15.27
C PHE A 69 11.88 9.56 16.40
N PHE A 70 10.57 9.82 16.46
CA PHE A 70 10.02 10.68 17.51
C PHE A 70 9.75 9.96 18.84
N ASN A 71 10.16 8.69 18.94
CA ASN A 71 9.94 7.95 20.16
C ASN A 71 11.21 7.64 20.91
N THR A 72 12.35 7.64 20.23
CA THR A 72 13.61 7.33 20.88
C THR A 72 14.78 8.19 20.46
N ILE A 73 14.73 8.70 19.24
CA ILE A 73 15.80 9.55 18.73
C ILE A 73 15.64 11.02 19.11
N LEU A 74 14.42 11.53 18.95
CA LEU A 74 14.17 12.92 19.28
C LEU A 74 12.89 13.01 20.10
N PRO A 75 12.93 12.49 21.34
CA PRO A 75 11.78 12.46 22.27
C PRO A 75 11.22 13.83 22.61
N ALA A 76 12.09 14.74 23.04
CA ALA A 76 11.62 16.08 23.40
C ALA A 76 12.48 17.20 22.83
N PHE A 77 11.90 18.40 22.74
CA PHE A 77 12.62 19.56 22.22
C PHE A 77 12.56 20.70 23.24
N ASP A 78 13.67 21.41 23.44
CA ASP A 78 13.66 22.53 24.39
C ASP A 78 13.27 23.81 23.63
N PRO A 79 12.23 24.51 24.12
CA PRO A 79 11.72 25.74 23.53
C PRO A 79 12.76 26.75 23.09
N ALA A 80 13.83 26.83 23.87
CA ALA A 80 14.89 27.79 23.59
C ALA A 80 15.67 27.52 22.31
N LEU A 81 15.39 26.39 21.67
CA LEU A 81 16.08 26.07 20.45
C LEU A 81 15.15 25.89 19.27
N ARG A 82 15.73 26.02 18.08
CA ARG A 82 14.99 25.83 16.86
C ARG A 82 15.65 24.68 16.08
N TYR A 83 14.91 23.59 15.90
CA TYR A 83 15.42 22.41 15.22
C TYR A 83 15.17 22.41 13.71
N ASN A 84 16.16 21.89 12.97
CA ASN A 84 16.09 21.78 11.51
C ASN A 84 16.40 20.33 11.18
N VAL A 85 15.38 19.48 11.24
CA VAL A 85 15.56 18.06 10.98
C VAL A 85 15.46 17.76 9.52
N THR A 86 16.27 16.82 9.05
CA THR A 86 16.23 16.43 7.65
C THR A 86 16.25 14.90 7.54
N TRP A 87 15.26 14.30 6.87
CA TRP A 87 15.19 12.83 6.71
C TRP A 87 15.56 12.38 5.30
N TYR A 88 16.03 11.13 5.20
CA TYR A 88 16.43 10.55 3.92
C TYR A 88 15.89 9.13 3.92
N VAL A 89 14.73 8.93 3.33
CA VAL A 89 14.10 7.62 3.28
C VAL A 89 13.87 7.17 1.84
N SER A 90 13.66 5.88 1.65
CA SER A 90 13.44 5.32 0.32
C SER A 90 12.16 5.79 -0.35
N SER A 91 11.11 6.00 0.42
CA SER A 91 9.87 6.43 -0.16
C SER A 91 9.06 7.31 0.80
N SER A 92 8.06 8.02 0.27
CA SER A 92 7.20 8.89 1.06
C SER A 92 6.43 8.07 2.10
N PRO A 93 6.05 8.70 3.21
CA PRO A 93 5.32 8.04 4.28
C PRO A 93 3.89 7.59 3.96
N CYS A 94 3.38 6.67 4.77
CA CYS A 94 2.04 6.16 4.58
C CYS A 94 1.05 7.16 5.14
N ALA A 95 -0.24 6.97 4.87
CA ALA A 95 -1.29 7.86 5.35
C ALA A 95 -1.21 8.03 6.87
N ALA A 96 -1.13 6.91 7.60
CA ALA A 96 -1.05 6.96 9.07
C ALA A 96 0.16 7.77 9.55
N CYS A 97 1.34 7.40 9.05
CA CYS A 97 2.57 8.10 9.43
C CYS A 97 2.46 9.61 9.15
N ALA A 98 1.87 9.97 8.03
CA ALA A 98 1.70 11.37 7.70
C ALA A 98 0.99 12.06 8.86
N ASP A 99 -0.14 11.52 9.29
CA ASP A 99 -0.91 12.10 10.39
C ASP A 99 -0.06 12.24 11.64
N ARG A 100 0.73 11.22 11.93
CA ARG A 100 1.60 11.28 13.09
C ARG A 100 2.58 12.44 12.99
N ILE A 101 3.12 12.65 11.79
CA ILE A 101 4.08 13.75 11.58
C ILE A 101 3.37 15.08 11.72
N ILE A 102 2.13 15.16 11.25
CA ILE A 102 1.35 16.39 11.31
C ILE A 102 1.02 16.78 12.76
N LYS A 103 0.68 15.78 13.57
CA LYS A 103 0.37 16.04 14.96
C LYS A 103 1.61 16.42 15.75
N THR A 104 2.78 15.99 15.30
CA THR A 104 4.03 16.28 16.00
C THR A 104 4.48 17.72 15.69
N LEU A 105 4.44 18.08 14.41
CA LEU A 105 4.86 19.40 13.99
C LEU A 105 3.94 20.45 14.60
N SER A 106 2.69 20.05 14.83
CA SER A 106 1.69 20.94 15.38
C SER A 106 1.92 21.18 16.87
N LYS A 107 2.60 20.26 17.53
CA LYS A 107 2.89 20.37 18.94
C LYS A 107 4.25 21.03 19.14
N THR A 108 5.11 20.95 18.14
CA THR A 108 6.43 21.55 18.25
C THR A 108 6.62 22.58 17.14
N LYS A 109 6.34 23.84 17.48
CA LYS A 109 6.44 24.94 16.53
C LYS A 109 7.89 25.24 16.19
N ASN A 110 8.79 24.92 17.12
CA ASN A 110 10.21 25.19 16.95
C ASN A 110 10.90 24.05 16.22
N LEU A 111 10.13 23.28 15.47
CA LEU A 111 10.67 22.15 14.72
C LEU A 111 10.36 22.27 13.24
N ARG A 112 11.39 22.32 12.40
CA ARG A 112 11.19 22.38 10.95
C ARG A 112 11.64 21.03 10.38
N LEU A 113 10.82 20.44 9.51
CA LEU A 113 11.13 19.13 8.96
C LEU A 113 11.23 19.10 7.42
N LEU A 114 12.27 18.44 6.92
CA LEU A 114 12.47 18.34 5.48
C LEU A 114 12.64 16.88 5.19
N ILE A 115 11.72 16.30 4.43
CA ILE A 115 11.79 14.89 4.10
C ILE A 115 12.16 14.70 2.63
N LEU A 116 13.33 14.10 2.37
CA LEU A 116 13.80 13.79 1.02
C LEU A 116 13.60 12.30 0.74
N VAL A 117 12.73 11.97 -0.21
CA VAL A 117 12.42 10.57 -0.53
C VAL A 117 13.01 10.09 -1.86
N GLY A 118 13.34 8.81 -1.95
CA GLY A 118 13.91 8.25 -3.17
C GLY A 118 12.84 8.20 -4.25
N ARG A 119 11.62 7.88 -3.83
CA ARG A 119 10.48 7.84 -4.74
C ARG A 119 9.18 7.97 -3.95
N LEU A 120 8.06 8.03 -4.65
CA LEU A 120 6.76 8.15 -4.01
C LEU A 120 6.17 6.77 -3.71
N PHE A 121 5.37 6.70 -2.66
CA PHE A 121 4.72 5.47 -2.22
C PHE A 121 3.20 5.56 -2.43
N MET A 122 2.66 4.65 -3.23
CA MET A 122 1.23 4.64 -3.54
C MET A 122 0.76 6.05 -3.90
N TRP A 123 1.58 6.76 -4.66
CA TRP A 123 1.24 8.14 -5.03
C TRP A 123 -0.10 8.30 -5.75
N GLU A 124 -0.45 7.31 -6.58
CA GLU A 124 -1.69 7.35 -7.33
C GLU A 124 -2.95 7.27 -6.46
N GLU A 125 -2.84 6.68 -5.28
CA GLU A 125 -4.00 6.57 -4.40
C GLU A 125 -4.45 7.92 -3.81
N PRO A 126 -5.76 8.19 -3.85
CA PRO A 126 -6.28 9.44 -3.32
C PRO A 126 -6.06 9.62 -1.82
N GLU A 127 -5.99 8.53 -1.08
CA GLU A 127 -5.77 8.62 0.36
C GLU A 127 -4.39 9.20 0.62
N ILE A 128 -3.39 8.69 -0.10
CA ILE A 128 -2.02 9.15 0.06
C ILE A 128 -1.89 10.61 -0.36
N GLN A 129 -2.54 10.97 -1.46
CA GLN A 129 -2.47 12.33 -1.97
C GLN A 129 -3.04 13.33 -0.99
N ALA A 130 -4.09 12.94 -0.30
CA ALA A 130 -4.69 13.83 0.67
C ALA A 130 -3.75 14.00 1.84
N ALA A 131 -3.09 12.92 2.22
CA ALA A 131 -2.18 12.98 3.34
C ALA A 131 -0.95 13.86 3.05
N LEU A 132 -0.45 13.80 1.81
CA LEU A 132 0.71 14.60 1.39
C LEU A 132 0.39 16.09 1.39
N LYS A 133 -0.84 16.44 1.00
CA LYS A 133 -1.25 17.84 0.97
C LYS A 133 -1.30 18.39 2.41
N LYS A 134 -2.00 17.66 3.29
CA LYS A 134 -2.15 18.06 4.68
C LYS A 134 -0.79 18.18 5.30
N LEU A 135 0.11 17.32 4.82
CA LEU A 135 1.49 17.31 5.30
C LEU A 135 2.20 18.58 4.86
N LYS A 136 2.04 18.98 3.61
CA LYS A 136 2.66 20.19 3.10
C LYS A 136 2.04 21.41 3.82
N GLU A 137 0.76 21.29 4.14
CA GLU A 137 0.04 22.35 4.85
C GLU A 137 0.49 22.49 6.30
N ALA A 138 1.03 21.41 6.85
CA ALA A 138 1.48 21.45 8.22
C ALA A 138 2.83 22.15 8.30
N GLY A 139 3.40 22.49 7.14
CA GLY A 139 4.70 23.16 7.08
C GLY A 139 5.85 22.22 6.74
N CYS A 140 5.55 20.93 6.61
CA CYS A 140 6.56 19.94 6.28
C CYS A 140 6.91 20.00 4.80
N LYS A 141 8.17 20.30 4.51
CA LYS A 141 8.60 20.41 3.13
C LYS A 141 8.99 19.04 2.62
N LEU A 142 8.33 18.57 1.56
CA LEU A 142 8.63 17.25 1.02
C LEU A 142 9.19 17.36 -0.41
N ARG A 143 10.30 16.70 -0.69
CA ARG A 143 10.92 16.73 -2.01
C ARG A 143 11.47 15.37 -2.44
N ILE A 144 11.70 15.20 -3.75
CA ILE A 144 12.26 13.95 -4.28
C ILE A 144 13.77 14.02 -4.29
N MET A 145 14.43 12.90 -4.00
CA MET A 145 15.89 12.84 -3.96
C MET A 145 16.47 12.86 -5.36
N LYS A 146 17.41 13.77 -5.59
CA LYS A 146 18.06 13.86 -6.89
C LYS A 146 19.41 13.16 -6.81
N PRO A 147 20.07 12.95 -7.97
CA PRO A 147 21.37 12.29 -7.98
C PRO A 147 22.33 12.77 -6.91
N GLN A 148 22.41 14.09 -6.71
CA GLN A 148 23.32 14.66 -5.70
C GLN A 148 22.99 14.16 -4.30
N ASP A 149 21.70 13.95 -4.04
CA ASP A 149 21.24 13.48 -2.73
C ASP A 149 21.74 12.08 -2.43
N PHE A 150 21.60 11.16 -3.39
CA PHE A 150 22.05 9.80 -3.18
C PHE A 150 23.56 9.80 -2.91
N GLU A 151 24.31 10.56 -3.71
CA GLU A 151 25.74 10.65 -3.52
C GLU A 151 26.07 11.18 -2.11
N TYR A 152 25.34 12.20 -1.68
CA TYR A 152 25.52 12.78 -0.36
C TYR A 152 25.36 11.71 0.74
N VAL A 153 24.22 11.04 0.73
CA VAL A 153 23.89 10.02 1.71
C VAL A 153 24.93 8.90 1.73
N TRP A 154 25.37 8.51 0.54
CA TRP A 154 26.36 7.47 0.39
C TRP A 154 27.69 7.82 1.01
N GLN A 155 28.20 9.00 0.69
CA GLN A 155 29.50 9.41 1.21
C GLN A 155 29.50 9.92 2.64
N ASN A 156 28.30 10.22 3.16
CA ASN A 156 28.19 10.76 4.53
C ASN A 156 27.53 9.85 5.55
N PHE A 157 26.68 8.94 5.10
CA PHE A 157 25.98 8.05 6.02
C PHE A 157 26.52 6.62 5.93
N VAL A 158 27.05 6.27 4.77
CA VAL A 158 27.58 4.94 4.59
C VAL A 158 29.05 4.92 4.94
N GLU A 159 29.39 4.12 5.95
CA GLU A 159 30.77 3.99 6.40
C GLU A 159 31.67 3.34 5.36
N GLN A 160 32.83 3.98 5.13
CA GLN A 160 33.82 3.49 4.18
C GLN A 160 35.04 3.08 5.02
N GLU A 161 36.07 2.54 4.38
CA GLU A 161 37.27 2.15 5.11
C GLU A 161 38.56 2.64 4.44
N GLU A 162 38.54 2.71 3.11
CA GLU A 162 39.70 3.15 2.33
C GLU A 162 40.08 4.59 2.67
N ALA A 167 34.56 6.00 -4.77
CA ALA A 167 33.93 7.01 -5.60
C ALA A 167 32.50 6.63 -5.99
N PHE A 168 31.54 7.48 -5.63
CA PHE A 168 30.13 7.23 -5.92
C PHE A 168 29.92 6.99 -7.41
N GLN A 169 28.91 6.19 -7.75
CA GLN A 169 28.62 5.91 -9.14
C GLN A 169 27.11 5.81 -9.39
N PRO A 170 26.59 6.65 -10.29
CA PRO A 170 25.16 6.63 -10.58
C PRO A 170 24.75 5.31 -11.22
N TRP A 171 23.44 5.10 -11.38
CA TRP A 171 22.98 3.85 -11.96
C TRP A 171 21.96 4.07 -13.07
N GLU A 172 21.52 2.95 -13.64
CA GLU A 172 20.54 2.88 -14.72
C GLU A 172 19.83 4.21 -14.99
N ASP A 173 18.74 4.42 -14.26
CA ASP A 173 17.91 5.62 -14.40
C ASP A 173 17.80 6.46 -13.11
N ILE A 174 18.95 6.84 -12.57
CA ILE A 174 18.94 7.63 -11.36
C ILE A 174 18.36 9.03 -11.61
N GLN A 175 18.58 9.54 -12.82
CA GLN A 175 18.11 10.88 -13.19
C GLN A 175 16.66 10.90 -13.68
N GLU A 176 16.26 9.87 -14.41
CA GLU A 176 14.90 9.82 -14.93
C GLU A 176 13.90 9.54 -13.83
N ASN A 177 14.25 8.68 -12.86
CA ASN A 177 13.36 8.36 -11.75
C ASN A 177 13.07 9.64 -10.95
N PHE A 178 14.13 10.40 -10.72
CA PHE A 178 14.02 11.65 -9.99
C PHE A 178 13.00 12.57 -10.70
N LEU A 179 13.31 12.94 -11.94
CA LEU A 179 12.44 13.85 -12.66
C LEU A 179 11.00 13.37 -12.72
N TYR A 180 10.80 12.07 -12.87
CA TYR A 180 9.46 11.53 -12.92
C TYR A 180 8.67 11.83 -11.65
N TYR A 181 9.20 11.44 -10.51
CA TYR A 181 8.54 11.64 -9.24
C TYR A 181 8.48 13.10 -8.77
N GLU A 182 9.36 13.93 -9.31
CA GLU A 182 9.36 15.32 -8.95
C GLU A 182 8.12 15.90 -9.57
N GLU A 183 7.81 15.47 -10.78
CA GLU A 183 6.63 15.96 -11.51
C GLU A 183 5.34 15.57 -10.81
N LYS A 184 5.23 14.28 -10.49
CA LYS A 184 4.06 13.75 -9.80
C LYS A 184 3.85 14.40 -8.44
N LEU A 185 4.94 14.57 -7.68
CA LEU A 185 4.83 15.17 -6.36
C LEU A 185 4.42 16.62 -6.49
N ALA A 186 4.83 17.28 -7.56
CA ALA A 186 4.47 18.69 -7.77
C ALA A 186 3.00 18.85 -8.17
N ASP A 187 2.51 17.94 -9.01
CA ASP A 187 1.12 17.99 -9.44
C ASP A 187 0.15 17.87 -8.27
N ILE A 188 0.42 16.92 -7.40
CA ILE A 188 -0.43 16.70 -6.25
C ILE A 188 -0.31 17.82 -5.21
N LEU A 189 0.91 18.23 -4.94
CA LEU A 189 1.14 19.27 -3.95
C LEU A 189 0.73 20.66 -4.40
N LYS A 190 0.43 20.83 -5.67
CA LYS A 190 0.04 22.14 -6.17
C LYS A 190 -0.83 21.96 -7.40
N GLY B 1 35.96 10.07 2.98
CA GLY B 1 36.21 8.69 3.53
C GLY B 1 36.71 8.70 4.96
N SER B 2 37.57 9.66 5.28
CA SER B 2 38.13 9.79 6.63
C SER B 2 37.08 10.28 7.64
N GLY B 3 36.23 11.19 7.19
CA GLY B 3 35.18 11.72 8.05
C GLY B 3 34.47 12.93 7.46
N GLY B 4 33.23 13.17 7.92
CA GLY B 4 32.46 14.30 7.43
C GLY B 4 32.69 15.55 8.26
N GLY B 5 31.69 15.92 9.05
CA GLY B 5 31.84 17.09 9.88
C GLY B 5 30.53 17.79 10.11
N MET B 6 30.28 18.15 11.37
CA MET B 6 29.06 18.85 11.76
C MET B 6 29.40 20.10 12.54
N ILE B 7 30.64 20.21 13.01
CA ILE B 7 31.12 21.36 13.76
C ILE B 7 31.78 22.37 12.84
N VAL B 8 31.42 23.64 12.98
CA VAL B 8 32.00 24.68 12.14
C VAL B 8 32.70 25.75 12.98
N THR B 9 33.98 25.98 12.69
CA THR B 9 34.78 26.97 13.39
C THR B 9 35.73 27.64 12.41
N GLY B 10 36.15 28.85 12.75
CA GLY B 10 37.07 29.58 11.90
C GLY B 10 38.50 29.20 12.19
N GLU B 11 38.68 28.24 13.09
CA GLU B 11 40.02 27.80 13.46
C GLU B 11 40.52 26.74 12.49
N ARG B 12 41.66 27.02 11.88
CA ARG B 12 42.23 26.11 10.91
C ARG B 12 43.23 25.15 11.56
N LEU B 13 43.71 25.49 12.74
CA LEU B 13 44.68 24.63 13.43
C LEU B 13 43.99 23.89 14.56
N PRO B 14 44.12 22.56 14.59
CA PRO B 14 43.49 21.75 15.65
C PRO B 14 44.02 22.05 17.04
N ALA B 15 45.26 22.52 17.08
CA ALA B 15 45.90 22.84 18.35
C ALA B 15 45.14 23.95 19.05
N ASN B 16 44.53 24.85 18.26
CA ASN B 16 43.78 25.97 18.81
C ASN B 16 42.33 25.58 19.10
N PHE B 17 41.76 24.78 18.22
CA PHE B 17 40.40 24.32 18.37
C PHE B 17 40.24 23.52 19.66
N PHE B 18 41.21 22.68 19.97
CA PHE B 18 41.16 21.86 21.18
C PHE B 18 41.64 22.59 22.42
N LYS B 19 42.14 23.79 22.23
CA LYS B 19 42.62 24.60 23.33
C LYS B 19 41.52 25.56 23.80
N PHE B 20 40.74 26.10 22.85
CA PHE B 20 39.68 27.05 23.16
C PHE B 20 38.28 26.50 22.97
N GLN B 21 37.90 26.30 21.72
CA GLN B 21 36.58 25.81 21.43
C GLN B 21 36.20 24.54 22.13
N PHE B 22 37.10 23.55 22.11
CA PHE B 22 36.82 22.24 22.71
C PHE B 22 36.76 22.30 24.25
N ARG B 23 37.27 23.39 24.80
CA ARG B 23 37.33 23.55 26.24
C ARG B 23 35.98 23.71 26.94
N ASN B 24 35.95 23.35 28.22
CA ASN B 24 34.76 23.47 29.05
C ASN B 24 35.16 24.33 30.25
N VAL B 25 34.44 25.44 30.47
CA VAL B 25 34.75 26.34 31.57
C VAL B 25 33.51 26.83 32.31
N GLU B 26 33.59 26.85 33.62
CA GLU B 26 32.47 27.33 34.43
C GLU B 26 32.81 28.72 34.98
N TYR B 27 32.33 29.77 34.31
CA TYR B 27 32.58 31.13 34.75
C TYR B 27 31.86 31.40 36.08
N SER B 28 30.55 31.12 36.09
CA SER B 28 29.71 31.33 37.27
C SER B 28 28.83 30.11 37.52
N SER B 29 28.12 30.11 38.64
CA SER B 29 27.26 28.99 39.00
C SER B 29 26.35 28.52 37.84
N GLY B 30 25.59 29.42 37.27
CA GLY B 30 24.71 29.02 36.19
C GLY B 30 25.08 29.60 34.84
N ARG B 31 26.37 29.83 34.64
CA ARG B 31 26.85 30.38 33.39
C ARG B 31 28.20 29.76 33.05
N ASN B 32 28.17 28.74 32.21
CA ASN B 32 29.42 28.10 31.86
C ASN B 32 29.48 27.68 30.40
N LYS B 33 30.68 27.74 29.83
CA LYS B 33 30.92 27.37 28.45
C LYS B 33 30.93 25.85 28.36
N THR B 34 30.01 25.29 27.60
CA THR B 34 29.89 23.85 27.43
C THR B 34 30.27 23.38 26.04
N PHE B 35 30.78 22.15 25.96
CA PHE B 35 31.15 21.56 24.67
C PHE B 35 31.35 20.05 24.85
N LEU B 36 30.62 19.26 24.05
CA LEU B 36 30.74 17.81 24.15
C LEU B 36 30.48 17.08 22.84
N CYS B 37 31.37 16.16 22.48
CA CYS B 37 31.22 15.34 21.28
C CYS B 37 30.78 13.91 21.68
N TYR B 38 29.91 13.30 20.89
CA TYR B 38 29.44 11.99 21.25
C TYR B 38 29.18 11.09 20.06
N VAL B 39 28.94 9.81 20.37
CA VAL B 39 28.66 8.81 19.37
C VAL B 39 27.71 7.82 20.02
N VAL B 40 26.62 7.50 19.33
CA VAL B 40 25.63 6.55 19.84
C VAL B 40 25.52 5.31 18.91
N GLU B 41 25.53 4.12 19.51
CA GLU B 41 25.41 2.86 18.78
C GLU B 41 24.41 1.99 19.55
N ALA B 42 23.25 1.70 18.96
CA ALA B 42 22.24 0.92 19.63
C ALA B 42 21.86 -0.32 18.83
N GLN B 43 21.98 -1.48 19.46
CA GLN B 43 21.64 -2.74 18.82
C GLN B 43 20.53 -3.40 19.62
N GLY B 44 19.44 -3.72 18.93
CA GLY B 44 18.31 -4.34 19.59
C GLY B 44 18.01 -5.76 19.17
N LYS B 45 19.05 -6.58 19.05
CA LYS B 45 18.90 -7.98 18.69
C LYS B 45 17.63 -8.29 17.89
N GLY B 46 17.70 -8.14 16.58
CA GLY B 46 16.54 -8.44 15.75
C GLY B 46 16.57 -7.63 14.47
N GLY B 47 17.78 -7.29 14.02
CA GLY B 47 17.94 -6.50 12.82
C GLY B 47 17.94 -5.00 13.09
N GLN B 48 17.40 -4.59 14.24
CA GLN B 48 17.32 -3.19 14.62
C GLN B 48 18.65 -2.64 15.09
N VAL B 49 19.21 -1.75 14.27
CA VAL B 49 20.50 -1.13 14.53
C VAL B 49 20.32 0.39 14.55
N GLN B 50 21.10 1.09 15.38
CA GLN B 50 21.00 2.54 15.47
C GLN B 50 22.38 3.13 15.65
N ALA B 51 22.71 4.17 14.87
CA ALA B 51 24.03 4.78 14.99
C ALA B 51 23.98 6.26 14.68
N SER B 52 24.75 7.06 15.40
CA SER B 52 24.77 8.50 15.17
C SER B 52 25.96 9.13 15.84
N ARG B 53 26.26 10.38 15.48
CA ARG B 53 27.35 11.11 16.12
C ARG B 53 27.12 12.64 16.01
N GLY B 54 27.14 13.33 17.14
CA GLY B 54 26.95 14.77 17.11
C GLY B 54 27.76 15.47 18.18
N TYR B 55 27.34 16.68 18.54
CA TYR B 55 28.01 17.43 19.58
C TYR B 55 27.11 18.52 20.17
N LEU B 56 27.52 19.09 21.29
CA LEU B 56 26.77 20.14 21.99
C LEU B 56 27.72 21.24 22.34
N GLU B 57 27.20 22.45 22.39
CA GLU B 57 28.03 23.60 22.74
C GLU B 57 27.13 24.79 23.15
N ASP B 58 27.55 25.45 24.21
CA ASP B 58 26.82 26.60 24.71
C ASP B 58 27.85 27.52 25.37
N GLU B 59 27.55 28.81 25.40
CA GLU B 59 28.46 29.80 26.01
C GLU B 59 27.85 30.34 27.31
N HIS B 60 26.55 30.12 27.49
CA HIS B 60 25.87 30.58 28.68
C HIS B 60 25.00 29.46 29.24
N ALA B 61 25.49 28.24 29.17
CA ALA B 61 24.72 27.10 29.68
C ALA B 61 24.54 27.16 31.21
N ALA B 62 23.36 26.79 31.67
CA ALA B 62 23.09 26.78 33.09
C ALA B 62 23.62 25.49 33.72
N ALA B 63 23.94 24.50 32.89
CA ALA B 63 24.45 23.21 33.37
C ALA B 63 25.66 22.78 32.55
N HIS B 64 26.40 21.77 33.05
CA HIS B 64 27.57 21.26 32.35
C HIS B 64 27.16 20.34 31.22
N ALA B 65 28.06 20.17 30.25
CA ALA B 65 27.83 19.32 29.08
C ALA B 65 27.28 17.96 29.44
N GLU B 66 27.79 17.39 30.52
CA GLU B 66 27.35 16.06 30.98
C GLU B 66 25.85 16.03 31.31
N GLU B 67 25.35 17.10 31.92
CA GLU B 67 23.97 17.18 32.30
C GLU B 67 23.12 17.42 31.06
N ALA B 68 23.57 18.34 30.23
CA ALA B 68 22.84 18.70 29.01
C ALA B 68 22.61 17.51 28.10
N PHE B 69 23.56 16.59 28.06
CA PHE B 69 23.43 15.43 27.20
C PHE B 69 22.25 14.54 27.55
N PHE B 70 22.25 14.02 28.78
CA PHE B 70 21.18 13.13 29.24
C PHE B 70 19.84 13.80 29.44
N ASN B 71 19.77 15.12 29.24
CA ASN B 71 18.50 15.83 29.42
C ASN B 71 17.84 16.25 28.12
N THR B 72 18.57 16.25 27.01
CA THR B 72 18.00 16.64 25.73
C THR B 72 18.42 15.76 24.57
N ILE B 73 19.67 15.28 24.59
CA ILE B 73 20.17 14.43 23.53
C ILE B 73 19.61 13.01 23.64
N LEU B 74 19.82 12.36 24.78
CA LEU B 74 19.32 11.00 25.00
C LEU B 74 18.41 10.96 26.22
N PRO B 75 17.28 11.66 26.16
CA PRO B 75 16.37 11.66 27.29
C PRO B 75 15.71 10.32 27.44
N ALA B 76 15.34 9.71 26.32
CA ALA B 76 14.68 8.42 26.33
C ALA B 76 15.58 7.28 25.84
N PHE B 77 15.30 6.07 26.31
CA PHE B 77 16.06 4.90 25.92
C PHE B 77 15.11 3.75 25.55
N ASP B 78 15.36 3.12 24.42
CA ASP B 78 14.54 1.99 23.99
C ASP B 78 14.98 0.75 24.78
N PRO B 79 14.17 0.31 25.76
CA PRO B 79 14.45 -0.86 26.60
C PRO B 79 14.87 -2.10 25.83
N ALA B 80 14.58 -2.12 24.53
CA ALA B 80 14.92 -3.27 23.70
C ALA B 80 16.34 -3.19 23.18
N LEU B 81 16.71 -2.01 22.69
CA LEU B 81 18.04 -1.80 22.15
C LEU B 81 19.11 -1.70 23.25
N ARG B 82 20.32 -2.13 22.94
CA ARG B 82 21.42 -2.05 23.89
C ARG B 82 22.25 -0.84 23.46
N TYR B 83 22.32 0.17 24.31
CA TYR B 83 23.04 1.38 23.95
C TYR B 83 24.52 1.41 24.32
N ASN B 84 25.34 1.92 23.40
CA ASN B 84 26.78 2.06 23.61
C ASN B 84 27.17 3.50 23.29
N VAL B 85 27.27 4.34 24.32
CA VAL B 85 27.61 5.73 24.14
C VAL B 85 29.08 6.02 24.38
N THR B 86 29.64 6.91 23.58
CA THR B 86 31.03 7.31 23.70
C THR B 86 31.14 8.84 23.70
N TRP B 87 31.77 9.40 24.73
CA TRP B 87 31.90 10.85 24.78
C TRP B 87 33.32 11.30 24.50
N TYR B 88 33.44 12.53 24.00
CA TYR B 88 34.75 13.15 23.77
C TYR B 88 34.68 14.53 24.43
N VAL B 89 35.23 14.65 25.63
CA VAL B 89 35.21 15.90 26.37
C VAL B 89 36.63 16.37 26.61
N SER B 90 36.77 17.64 26.97
CA SER B 90 38.07 18.24 27.25
C SER B 90 38.61 17.82 28.61
N SER B 91 37.71 17.62 29.56
CA SER B 91 38.13 17.23 30.88
C SER B 91 37.12 16.29 31.52
N SER B 92 37.59 15.46 32.44
CA SER B 92 36.75 14.53 33.18
C SER B 92 35.65 15.30 33.91
N PRO B 93 34.55 14.61 34.25
CA PRO B 93 33.42 15.24 34.95
C PRO B 93 33.74 15.66 36.41
N CYS B 94 32.97 16.59 36.93
CA CYS B 94 33.18 17.06 38.28
C CYS B 94 32.45 16.12 39.22
N ALA B 95 32.59 16.37 40.52
CA ALA B 95 31.98 15.55 41.54
C ALA B 95 30.49 15.42 41.31
N ALA B 96 29.84 16.56 41.08
CA ALA B 96 28.41 16.56 40.85
C ALA B 96 28.00 15.84 39.56
N CYS B 97 28.70 16.14 38.47
CA CYS B 97 28.40 15.50 37.20
C CYS B 97 28.57 13.98 37.26
N ALA B 98 29.59 13.54 37.96
CA ALA B 98 29.85 12.12 38.10
C ALA B 98 28.63 11.43 38.73
N ASP B 99 28.03 12.06 39.74
CA ASP B 99 26.87 11.48 40.39
C ASP B 99 25.72 11.35 39.42
N ARG B 100 25.41 12.42 38.70
CA ARG B 100 24.34 12.40 37.71
C ARG B 100 24.58 11.22 36.78
N ILE B 101 25.80 11.11 36.27
CA ILE B 101 26.15 10.03 35.37
C ILE B 101 25.86 8.67 36.03
N ILE B 102 26.29 8.52 37.28
CA ILE B 102 26.08 7.29 38.03
C ILE B 102 24.60 6.98 38.23
N LYS B 103 23.84 7.99 38.59
CA LYS B 103 22.42 7.79 38.82
C LYS B 103 21.71 7.37 37.54
N THR B 104 22.12 7.93 36.41
CA THR B 104 21.53 7.60 35.13
C THR B 104 21.96 6.18 34.74
N LEU B 105 23.24 5.89 34.88
CA LEU B 105 23.76 4.57 34.58
C LEU B 105 23.08 3.54 35.46
N SER B 106 22.65 3.97 36.65
CA SER B 106 21.97 3.10 37.60
C SER B 106 20.53 2.79 37.15
N LYS B 107 19.85 3.80 36.63
CA LYS B 107 18.49 3.63 36.14
C LYS B 107 18.43 2.72 34.92
N THR B 108 19.07 3.13 33.82
CA THR B 108 19.05 2.34 32.58
C THR B 108 20.19 1.32 32.56
N LYS B 109 19.83 0.04 32.63
CA LYS B 109 20.82 -1.03 32.63
C LYS B 109 21.23 -1.42 31.23
N ASN B 110 20.47 -0.95 30.25
CA ASN B 110 20.77 -1.26 28.86
C ASN B 110 21.68 -0.23 28.24
N LEU B 111 22.22 0.66 29.08
CA LEU B 111 23.13 1.72 28.65
C LEU B 111 24.57 1.49 29.12
N ARG B 112 25.54 1.67 28.22
CA ARG B 112 26.95 1.51 28.54
C ARG B 112 27.66 2.77 28.07
N LEU B 113 28.36 3.45 28.99
CA LEU B 113 29.04 4.69 28.68
C LEU B 113 30.57 4.63 28.69
N LEU B 114 31.17 5.37 27.76
CA LEU B 114 32.62 5.45 27.60
C LEU B 114 33.02 6.91 27.48
N ILE B 115 33.75 7.40 28.47
CA ILE B 115 34.16 8.79 28.44
C ILE B 115 35.64 8.92 28.10
N LEU B 116 35.95 9.63 27.02
CA LEU B 116 37.32 9.86 26.61
C LEU B 116 37.70 11.33 26.91
N VAL B 117 38.35 11.58 28.03
CA VAL B 117 38.70 12.95 28.40
C VAL B 117 40.07 13.39 27.87
N GLY B 118 40.23 14.69 27.61
CA GLY B 118 41.50 15.21 27.13
C GLY B 118 42.49 15.36 28.26
N ARG B 119 41.94 15.54 29.46
CA ARG B 119 42.76 15.69 30.65
C ARG B 119 41.91 15.43 31.87
N LEU B 120 42.57 15.27 33.01
CA LEU B 120 41.86 15.02 34.26
C LEU B 120 41.52 16.32 34.96
N PHE B 121 40.22 16.52 35.18
CA PHE B 121 39.72 17.73 35.82
C PHE B 121 39.97 17.68 37.32
N MET B 122 40.96 18.44 37.76
CA MET B 122 41.33 18.51 39.17
C MET B 122 41.51 17.14 39.83
N TRP B 123 42.41 16.35 39.27
CA TRP B 123 42.71 15.01 39.77
C TRP B 123 43.32 15.04 41.17
N GLU B 124 43.85 16.18 41.58
CA GLU B 124 44.45 16.31 42.91
C GLU B 124 43.39 16.29 44.03
N GLU B 125 42.18 16.72 43.73
CA GLU B 125 41.12 16.73 44.74
C GLU B 125 40.74 15.32 45.13
N PRO B 126 40.74 15.03 46.44
CA PRO B 126 40.36 13.68 46.90
C PRO B 126 38.90 13.40 46.59
N GLU B 127 38.10 14.47 46.48
CA GLU B 127 36.68 14.35 46.17
C GLU B 127 36.53 13.91 44.72
N ILE B 128 37.41 14.40 43.85
CA ILE B 128 37.38 14.05 42.45
C ILE B 128 37.84 12.60 42.25
N GLN B 129 38.86 12.20 42.99
CA GLN B 129 39.35 10.84 42.87
C GLN B 129 38.27 9.86 43.29
N ALA B 130 37.42 10.30 44.21
CA ALA B 130 36.32 9.47 44.71
C ALA B 130 35.25 9.30 43.63
N ALA B 131 35.02 10.38 42.89
CA ALA B 131 34.02 10.33 41.83
C ALA B 131 34.46 9.38 40.72
N LEU B 132 35.69 9.57 40.25
CA LEU B 132 36.22 8.72 39.20
C LEU B 132 36.08 7.24 39.56
N LYS B 133 36.45 6.89 40.79
CA LYS B 133 36.37 5.51 41.26
C LYS B 133 34.93 5.05 41.29
N LYS B 134 34.04 5.86 41.85
CA LYS B 134 32.65 5.47 41.89
C LYS B 134 32.05 5.37 40.49
N LEU B 135 32.58 6.16 39.57
CA LEU B 135 32.11 6.16 38.19
C LEU B 135 32.45 4.80 37.58
N LYS B 136 33.64 4.29 37.89
CA LYS B 136 34.06 2.98 37.39
C LYS B 136 33.21 1.88 38.05
N GLU B 137 32.80 2.13 39.30
CA GLU B 137 31.96 1.20 40.06
C GLU B 137 30.63 1.05 39.32
N ALA B 138 30.07 2.17 38.85
CA ALA B 138 28.79 2.18 38.15
C ALA B 138 28.88 1.49 36.78
N GLY B 139 30.09 1.08 36.42
CA GLY B 139 30.30 0.40 35.15
C GLY B 139 30.71 1.30 34.01
N CYS B 140 31.06 2.55 34.33
CA CYS B 140 31.47 3.52 33.33
C CYS B 140 32.93 3.36 33.00
N LYS B 141 33.24 3.41 31.70
CA LYS B 141 34.63 3.25 31.27
C LYS B 141 35.26 4.61 31.02
N LEU B 142 36.35 4.90 31.71
CA LEU B 142 37.04 6.18 31.54
C LEU B 142 38.41 5.98 30.90
N ARG B 143 38.77 6.84 29.95
CA ARG B 143 40.09 6.78 29.30
C ARG B 143 40.59 8.15 28.85
N ILE B 144 41.89 8.31 28.83
CA ILE B 144 42.46 9.58 28.43
C ILE B 144 42.61 9.56 26.91
N MET B 145 42.13 10.61 26.26
CA MET B 145 42.22 10.71 24.82
C MET B 145 43.67 10.59 24.36
N LYS B 146 43.93 9.62 23.48
CA LYS B 146 45.26 9.40 22.91
C LYS B 146 45.42 10.35 21.71
N PRO B 147 46.64 10.60 21.26
CA PRO B 147 46.84 11.49 20.11
C PRO B 147 45.94 11.12 18.92
N GLN B 148 45.74 9.83 18.72
CA GLN B 148 44.88 9.33 17.64
C GLN B 148 43.43 9.80 17.82
N ASP B 149 43.01 9.94 19.07
CA ASP B 149 41.66 10.38 19.40
C ASP B 149 41.39 11.82 18.94
N PHE B 150 42.32 12.71 19.22
CA PHE B 150 42.15 14.09 18.80
C PHE B 150 42.02 14.19 17.28
N GLU B 151 42.78 13.35 16.58
CA GLU B 151 42.74 13.31 15.14
C GLU B 151 41.42 12.73 14.69
N TYR B 152 40.88 11.80 15.47
CA TYR B 152 39.62 11.19 15.12
C TYR B 152 38.47 12.23 15.22
N VAL B 153 38.46 12.97 16.33
CA VAL B 153 37.44 13.96 16.55
C VAL B 153 37.57 15.09 15.52
N TRP B 154 38.80 15.37 15.12
CA TRP B 154 39.02 16.44 14.18
C TRP B 154 38.56 16.13 12.77
N GLN B 155 38.70 14.89 12.35
CA GLN B 155 38.33 14.51 11.01
C GLN B 155 36.94 13.89 10.91
N ASN B 156 36.22 13.81 12.01
CA ASN B 156 34.90 13.20 11.93
C ASN B 156 33.83 14.07 12.55
N PHE B 157 34.23 15.17 13.18
CA PHE B 157 33.30 16.07 13.80
C PHE B 157 33.49 17.50 13.30
N VAL B 158 34.74 17.91 13.12
CA VAL B 158 34.99 19.27 12.65
C VAL B 158 34.88 19.32 11.14
N GLU B 159 33.99 20.19 10.67
CA GLU B 159 33.77 20.31 9.25
C GLU B 159 34.93 20.99 8.55
N GLN B 160 35.59 20.24 7.67
CA GLN B 160 36.70 20.73 6.86
C GLN B 160 36.11 21.63 5.76
N GLU B 161 36.65 22.84 5.62
CA GLU B 161 36.19 23.82 4.61
C GLU B 161 36.53 23.44 3.17
N GLU B 162 37.64 22.73 2.99
CA GLU B 162 38.07 22.31 1.65
C GLU B 162 37.80 20.83 1.36
N GLY B 163 36.75 20.28 1.98
CA GLY B 163 36.35 18.88 1.80
C GLY B 163 37.46 17.91 2.22
N GLU B 164 37.85 17.02 1.29
CA GLU B 164 38.90 16.05 1.54
C GLU B 164 40.28 16.54 1.07
N SER B 165 40.78 17.60 1.70
CA SER B 165 42.09 18.16 1.36
C SER B 165 42.78 18.79 2.58
N LYS B 166 43.12 17.95 3.55
CA LYS B 166 43.78 18.38 4.78
C LYS B 166 44.05 17.19 5.72
N ALA B 167 45.24 17.16 6.30
CA ALA B 167 45.62 16.08 7.21
C ALA B 167 45.37 16.50 8.65
N PHE B 168 46.37 16.30 9.51
CA PHE B 168 46.26 16.64 10.93
C PHE B 168 47.57 17.16 11.50
N GLN B 169 47.51 18.31 12.15
CA GLN B 169 48.69 18.92 12.75
C GLN B 169 48.63 18.85 14.27
N PRO B 170 49.26 17.83 14.85
CA PRO B 170 49.27 17.67 16.29
C PRO B 170 50.20 18.67 16.96
N TRP B 171 49.98 18.89 18.25
CA TRP B 171 50.81 19.81 19.00
C TRP B 171 51.99 19.13 19.71
N GLU B 172 52.98 19.94 20.04
CA GLU B 172 54.21 19.48 20.69
C GLU B 172 54.07 18.57 21.91
N ASP B 173 53.17 18.90 22.85
CA ASP B 173 52.96 18.10 24.05
C ASP B 173 51.74 17.15 23.99
N ILE B 174 51.38 16.70 22.80
CA ILE B 174 50.24 15.81 22.63
C ILE B 174 50.43 14.42 23.27
N GLN B 175 51.67 13.94 23.31
CA GLN B 175 51.92 12.66 23.90
C GLN B 175 52.15 12.74 25.41
N GLU B 176 52.92 13.72 25.85
CA GLU B 176 53.21 13.91 27.28
C GLU B 176 51.93 14.06 28.06
N ASN B 177 50.96 14.73 27.46
CA ASN B 177 49.66 14.92 28.07
C ASN B 177 48.96 13.59 28.28
N PHE B 178 48.83 12.81 27.21
CA PHE B 178 48.20 11.50 27.29
C PHE B 178 48.90 10.62 28.37
N LEU B 179 50.21 10.47 28.18
CA LEU B 179 51.03 9.66 29.08
C LEU B 179 50.90 10.14 30.51
N TYR B 180 50.94 11.45 30.68
CA TYR B 180 50.83 12.04 32.00
C TYR B 180 49.53 11.64 32.68
N TYR B 181 48.40 11.88 32.02
CA TYR B 181 47.09 11.58 32.60
C TYR B 181 46.66 10.12 32.63
N GLU B 182 47.36 9.28 31.87
CA GLU B 182 47.04 7.86 31.83
C GLU B 182 47.50 7.24 33.14
N GLU B 183 48.66 7.70 33.61
CA GLU B 183 49.26 7.21 34.85
C GLU B 183 48.35 7.54 36.04
N LYS B 184 47.85 8.78 36.05
CA LYS B 184 46.95 9.28 37.11
C LYS B 184 45.68 8.46 37.19
N LEU B 185 44.88 8.50 36.13
CA LEU B 185 43.62 7.78 36.07
C LEU B 185 43.80 6.32 36.49
N ALA B 186 44.96 5.75 36.15
CA ALA B 186 45.28 4.36 36.47
C ALA B 186 45.33 4.18 37.98
N ASP B 187 46.20 4.94 38.64
CA ASP B 187 46.36 4.82 40.09
C ASP B 187 45.01 4.95 40.79
N ILE B 188 44.19 5.88 40.31
CA ILE B 188 42.89 6.12 40.90
C ILE B 188 41.94 4.96 40.75
N LEU B 189 41.72 4.54 39.51
CA LEU B 189 40.81 3.42 39.23
C LEU B 189 41.32 2.04 39.68
N LYS B 190 42.62 1.91 39.94
CA LYS B 190 43.16 0.61 40.34
C LYS B 190 44.62 0.71 40.76
N MET C 6 -26.44 -2.69 -17.20
CA MET C 6 -26.94 -3.25 -15.90
C MET C 6 -26.53 -2.40 -14.69
N ILE C 7 -25.45 -1.62 -14.82
CA ILE C 7 -25.03 -0.78 -13.70
C ILE C 7 -25.81 0.53 -13.68
N VAL C 8 -26.55 0.78 -12.60
CA VAL C 8 -27.33 2.01 -12.47
C VAL C 8 -26.50 2.99 -11.64
N THR C 9 -26.16 4.14 -12.24
CA THR C 9 -25.37 5.18 -11.56
C THR C 9 -25.87 6.57 -11.88
N GLY C 10 -25.51 7.52 -11.04
CA GLY C 10 -25.92 8.90 -11.27
C GLY C 10 -24.91 9.64 -12.11
N GLU C 11 -23.64 9.23 -12.05
CA GLU C 11 -22.60 9.91 -12.81
C GLU C 11 -22.93 9.87 -14.30
N ARG C 12 -22.67 10.97 -14.98
CA ARG C 12 -22.98 11.05 -16.40
C ARG C 12 -21.74 10.92 -17.26
N LEU C 13 -20.65 11.57 -16.83
CA LEU C 13 -19.38 11.58 -17.55
C LEU C 13 -18.53 10.33 -17.28
N PRO C 14 -18.01 9.70 -18.35
CA PRO C 14 -17.20 8.50 -18.20
C PRO C 14 -16.00 8.73 -17.28
N ALA C 15 -15.24 9.80 -17.55
CA ALA C 15 -14.07 10.11 -16.75
C ALA C 15 -14.35 10.12 -15.27
N ASN C 16 -15.46 10.74 -14.88
CA ASN C 16 -15.85 10.78 -13.49
C ASN C 16 -16.21 9.38 -12.97
N PHE C 17 -16.94 8.60 -13.77
CA PHE C 17 -17.34 7.26 -13.36
C PHE C 17 -16.14 6.39 -13.05
N PHE C 18 -15.26 6.26 -14.04
CA PHE C 18 -14.08 5.41 -13.88
C PHE C 18 -13.08 5.89 -12.85
N LYS C 19 -13.11 7.17 -12.51
CA LYS C 19 -12.18 7.71 -11.54
C LYS C 19 -12.68 7.67 -10.11
N PHE C 20 -13.99 7.48 -9.91
CA PHE C 20 -14.57 7.45 -8.56
C PHE C 20 -15.43 6.21 -8.28
N GLN C 21 -16.61 6.15 -8.90
CA GLN C 21 -17.53 5.03 -8.71
C GLN C 21 -16.94 3.69 -9.10
N PHE C 22 -16.03 3.71 -10.06
CA PHE C 22 -15.42 2.46 -10.53
C PHE C 22 -14.27 1.98 -9.66
N ARG C 23 -13.90 2.74 -8.64
CA ARG C 23 -12.77 2.37 -7.80
C ARG C 23 -12.98 1.14 -6.95
N ASN C 24 -11.95 0.29 -6.92
CA ASN C 24 -11.99 -0.91 -6.14
C ASN C 24 -10.78 -0.90 -5.22
N VAL C 25 -11.01 -0.65 -3.93
CA VAL C 25 -9.94 -0.59 -2.94
C VAL C 25 -9.38 -1.97 -2.62
N GLU C 26 -8.04 -2.05 -2.62
CA GLU C 26 -7.33 -3.30 -2.35
C GLU C 26 -6.41 -3.16 -1.14
N TYR C 27 -6.68 -2.17 -0.29
CA TYR C 27 -5.87 -1.93 0.90
C TYR C 27 -5.73 -3.20 1.73
N SER C 28 -4.48 -3.57 1.99
CA SER C 28 -4.14 -4.75 2.77
C SER C 28 -4.93 -4.89 4.05
N SER C 29 -5.47 -3.80 4.58
CA SER C 29 -6.22 -3.86 5.83
C SER C 29 -7.55 -3.14 5.76
N GLY C 30 -8.39 -3.37 6.76
CA GLY C 30 -9.69 -2.74 6.80
C GLY C 30 -10.71 -3.35 5.85
N ARG C 31 -11.90 -2.77 5.82
CA ARG C 31 -12.97 -3.26 4.95
C ARG C 31 -13.48 -2.09 4.12
N ASN C 32 -12.74 -1.72 3.08
CA ASN C 32 -13.11 -0.60 2.23
C ASN C 32 -14.15 -0.99 1.20
N LYS C 33 -14.30 -0.16 0.16
CA LYS C 33 -15.29 -0.41 -0.89
C LYS C 33 -14.74 -1.29 -1.99
N THR C 34 -15.63 -1.92 -2.73
CA THR C 34 -15.22 -2.80 -3.80
C THR C 34 -16.08 -2.61 -5.03
N PHE C 35 -15.52 -2.87 -6.20
CA PHE C 35 -16.28 -2.74 -7.43
C PHE C 35 -15.65 -3.70 -8.43
N LEU C 36 -16.45 -4.31 -9.30
CA LEU C 36 -15.93 -5.25 -10.28
C LEU C 36 -16.94 -5.67 -11.34
N CYS C 37 -16.57 -5.50 -12.60
CA CYS C 37 -17.42 -5.91 -13.72
C CYS C 37 -16.84 -7.19 -14.26
N TYR C 38 -17.69 -8.07 -14.77
CA TYR C 38 -17.16 -9.32 -15.31
C TYR C 38 -17.92 -9.84 -16.53
N VAL C 39 -17.32 -10.85 -17.16
CA VAL C 39 -17.88 -11.52 -18.33
C VAL C 39 -17.55 -13.03 -18.24
N VAL C 40 -18.56 -13.88 -18.38
CA VAL C 40 -18.34 -15.32 -18.32
C VAL C 40 -18.84 -16.02 -19.56
N GLU C 41 -18.01 -16.90 -20.11
CA GLU C 41 -18.39 -17.65 -21.31
C GLU C 41 -17.88 -19.08 -21.17
N ALA C 42 -18.80 -20.04 -21.10
CA ALA C 42 -18.47 -21.45 -20.98
C ALA C 42 -18.86 -22.22 -22.24
N GLN C 43 -17.94 -23.04 -22.73
CA GLN C 43 -18.16 -23.86 -23.91
C GLN C 43 -18.07 -25.34 -23.53
N GLY C 44 -18.94 -26.16 -24.11
CA GLY C 44 -18.93 -27.59 -23.82
C GLY C 44 -19.09 -28.42 -25.06
N LYS C 45 -18.22 -29.40 -25.25
CA LYS C 45 -18.27 -30.25 -26.42
C LYS C 45 -19.54 -31.07 -26.40
N GLY C 46 -20.62 -30.50 -26.93
CA GLY C 46 -21.89 -31.19 -26.97
C GLY C 46 -23.04 -30.26 -27.25
N GLY C 47 -22.71 -29.00 -27.55
CA GLY C 47 -23.73 -28.00 -27.82
C GLY C 47 -24.11 -27.18 -26.60
N GLN C 48 -23.41 -27.39 -25.47
CA GLN C 48 -23.67 -26.67 -24.22
C GLN C 48 -22.94 -25.31 -24.24
N VAL C 49 -23.69 -24.23 -24.09
CA VAL C 49 -23.08 -22.91 -24.09
C VAL C 49 -23.74 -21.99 -23.09
N GLN C 50 -22.92 -21.29 -22.31
CA GLN C 50 -23.42 -20.37 -21.29
C GLN C 50 -22.59 -19.10 -21.36
N ALA C 51 -23.24 -17.95 -21.51
CA ALA C 51 -22.51 -16.68 -21.57
C ALA C 51 -23.28 -15.59 -20.84
N SER C 52 -22.85 -15.26 -19.63
CA SER C 52 -23.50 -14.22 -18.87
C SER C 52 -22.57 -13.02 -18.71
N ARG C 53 -23.13 -11.92 -18.20
CA ARG C 53 -22.35 -10.71 -18.01
C ARG C 53 -22.97 -9.85 -16.91
N GLY C 54 -22.15 -9.32 -16.03
CA GLY C 54 -22.68 -8.51 -14.96
C GLY C 54 -21.63 -7.73 -14.19
N TYR C 55 -21.93 -7.35 -12.97
CA TYR C 55 -21.01 -6.59 -12.15
C TYR C 55 -21.37 -6.73 -10.70
N LEU C 56 -20.48 -6.26 -9.84
CA LEU C 56 -20.67 -6.36 -8.41
C LEU C 56 -20.01 -5.18 -7.71
N GLU C 57 -20.65 -4.63 -6.67
CA GLU C 57 -20.08 -3.50 -5.92
C GLU C 57 -20.53 -3.48 -4.47
N ASP C 58 -19.77 -2.77 -3.63
CA ASP C 58 -20.11 -2.67 -2.22
C ASP C 58 -19.47 -1.42 -1.62
N GLU C 59 -20.17 -0.77 -0.70
CA GLU C 59 -19.65 0.42 -0.08
C GLU C 59 -18.57 0.08 0.94
N HIS C 60 -18.83 -0.96 1.73
CA HIS C 60 -17.89 -1.40 2.75
C HIS C 60 -17.93 -2.90 2.86
N ALA C 61 -17.37 -3.57 1.85
CA ALA C 61 -17.35 -5.03 1.82
C ALA C 61 -16.24 -5.60 2.71
N ALA C 62 -16.55 -6.71 3.36
CA ALA C 62 -15.58 -7.37 4.21
C ALA C 62 -14.51 -8.05 3.37
N ALA C 63 -14.93 -8.62 2.24
CA ALA C 63 -14.02 -9.29 1.33
C ALA C 63 -13.80 -8.43 0.09
N HIS C 64 -12.66 -8.62 -0.56
CA HIS C 64 -12.35 -7.87 -1.78
C HIS C 64 -13.09 -8.46 -2.99
N ALA C 65 -13.22 -7.66 -4.05
CA ALA C 65 -13.92 -8.08 -5.26
C ALA C 65 -13.51 -9.48 -5.70
N GLU C 66 -12.20 -9.74 -5.66
CA GLU C 66 -11.68 -11.04 -6.07
C GLU C 66 -12.31 -12.18 -5.29
N GLU C 67 -12.49 -11.98 -3.98
CA GLU C 67 -13.09 -12.98 -3.13
C GLU C 67 -14.57 -13.17 -3.42
N ALA C 68 -15.33 -12.07 -3.34
CA ALA C 68 -16.77 -12.12 -3.56
C ALA C 68 -17.14 -12.86 -4.83
N PHE C 69 -16.33 -12.68 -5.87
CA PHE C 69 -16.61 -13.31 -7.14
C PHE C 69 -16.66 -14.82 -7.07
N PHE C 70 -15.63 -15.41 -6.47
CA PHE C 70 -15.58 -16.87 -6.34
C PHE C 70 -16.36 -17.41 -5.15
N ASN C 71 -17.08 -16.57 -4.43
CA ASN C 71 -17.83 -17.03 -3.28
C ASN C 71 -19.33 -16.96 -3.48
N THR C 72 -19.79 -16.15 -4.43
CA THR C 72 -21.21 -16.03 -4.69
C THR C 72 -21.60 -15.94 -6.16
N ILE C 73 -20.71 -15.42 -6.99
CA ILE C 73 -20.99 -15.31 -8.42
C ILE C 73 -20.64 -16.59 -9.19
N LEU C 74 -19.48 -17.15 -8.91
CA LEU C 74 -19.07 -18.35 -9.62
C LEU C 74 -18.55 -19.35 -8.60
N PRO C 75 -19.45 -19.88 -7.75
CA PRO C 75 -19.13 -20.86 -6.69
C PRO C 75 -18.50 -22.16 -7.20
N ALA C 76 -19.15 -22.80 -8.17
CA ALA C 76 -18.60 -24.05 -8.69
C ALA C 76 -18.61 -24.12 -10.22
N PHE C 77 -17.78 -25.01 -10.77
CA PHE C 77 -17.70 -25.17 -12.21
C PHE C 77 -17.91 -26.63 -12.55
N ASP C 78 -18.64 -26.91 -13.63
CA ASP C 78 -18.84 -28.30 -14.03
C ASP C 78 -17.73 -28.71 -15.01
N PRO C 79 -17.02 -29.80 -14.69
CA PRO C 79 -15.92 -30.33 -15.51
C PRO C 79 -16.17 -30.38 -17.01
N ALA C 80 -17.42 -30.67 -17.39
CA ALA C 80 -17.78 -30.78 -18.79
C ALA C 80 -17.71 -29.48 -19.54
N LEU C 81 -17.49 -28.38 -18.84
CA LEU C 81 -17.40 -27.09 -19.51
C LEU C 81 -16.04 -26.42 -19.33
N ARG C 82 -15.74 -25.49 -20.23
CA ARG C 82 -14.51 -24.73 -20.17
C ARG C 82 -14.89 -23.24 -20.07
N TYR C 83 -14.55 -22.63 -18.93
CA TYR C 83 -14.88 -21.24 -18.69
C TYR C 83 -13.82 -20.22 -19.15
N ASN C 84 -14.30 -19.09 -19.66
CA ASN C 84 -13.44 -18.01 -20.13
C ASN C 84 -13.91 -16.76 -19.44
N VAL C 85 -13.43 -16.55 -18.21
CA VAL C 85 -13.83 -15.40 -17.41
C VAL C 85 -12.98 -14.18 -17.73
N THR C 86 -13.58 -13.01 -17.73
CA THR C 86 -12.85 -11.78 -17.99
C THR C 86 -13.26 -10.71 -16.97
N TRP C 87 -12.30 -10.15 -16.24
CA TRP C 87 -12.57 -9.11 -15.24
C TRP C 87 -12.18 -7.71 -15.71
N TYR C 88 -12.83 -6.70 -15.15
CA TYR C 88 -12.58 -5.30 -15.48
C TYR C 88 -12.60 -4.54 -14.17
N VAL C 89 -11.42 -4.32 -13.59
CA VAL C 89 -11.27 -3.63 -12.33
C VAL C 89 -10.36 -2.42 -12.47
N SER C 90 -10.49 -1.50 -11.50
CA SER C 90 -9.74 -0.27 -11.49
C SER C 90 -8.25 -0.47 -11.37
N SER C 91 -7.83 -1.45 -10.57
CA SER C 91 -6.41 -1.70 -10.40
C SER C 91 -6.10 -3.17 -10.19
N SER C 92 -4.82 -3.52 -10.30
CA SER C 92 -4.39 -4.89 -10.09
C SER C 92 -4.63 -5.33 -8.64
N PRO C 93 -4.80 -6.64 -8.43
CA PRO C 93 -5.06 -7.19 -7.11
C PRO C 93 -3.93 -7.06 -6.10
N CYS C 94 -4.27 -7.19 -4.82
CA CYS C 94 -3.29 -7.12 -3.76
C CYS C 94 -2.57 -8.48 -3.65
N ALA C 95 -1.49 -8.51 -2.89
CA ALA C 95 -0.71 -9.74 -2.70
C ALA C 95 -1.61 -10.90 -2.24
N ALA C 96 -2.41 -10.67 -1.21
CA ALA C 96 -3.31 -11.70 -0.69
C ALA C 96 -4.28 -12.20 -1.76
N CYS C 97 -4.99 -11.28 -2.39
CA CYS C 97 -5.94 -11.65 -3.44
C CYS C 97 -5.27 -12.47 -4.56
N ALA C 98 -4.05 -12.09 -4.92
CA ALA C 98 -3.32 -12.81 -5.96
C ALA C 98 -3.24 -14.27 -5.58
N ASP C 99 -2.79 -14.56 -4.36
CA ASP C 99 -2.68 -15.94 -3.89
C ASP C 99 -4.01 -16.66 -3.99
N ARG C 100 -5.07 -15.97 -3.59
CA ARG C 100 -6.39 -16.56 -3.66
C ARG C 100 -6.74 -16.96 -5.09
N ILE C 101 -6.36 -16.11 -6.04
CA ILE C 101 -6.64 -16.38 -7.46
C ILE C 101 -5.83 -17.56 -7.95
N ILE C 102 -4.59 -17.64 -7.47
CA ILE C 102 -3.69 -18.71 -7.86
C ILE C 102 -4.18 -20.07 -7.34
N LYS C 103 -4.70 -20.08 -6.12
CA LYS C 103 -5.18 -21.33 -5.55
C LYS C 103 -6.47 -21.79 -6.20
N THR C 104 -7.23 -20.83 -6.75
CA THR C 104 -8.49 -21.14 -7.41
C THR C 104 -8.22 -21.72 -8.82
N LEU C 105 -7.34 -21.06 -9.56
CA LEU C 105 -7.02 -21.49 -10.91
C LEU C 105 -6.37 -22.86 -10.88
N SER C 106 -5.69 -23.13 -9.77
CA SER C 106 -4.99 -24.40 -9.60
C SER C 106 -5.93 -25.55 -9.30
N LYS C 107 -7.11 -25.23 -8.78
CA LYS C 107 -8.11 -26.24 -8.45
C LYS C 107 -9.06 -26.40 -9.64
N THR C 108 -9.18 -25.36 -10.47
CA THR C 108 -10.06 -25.43 -11.62
C THR C 108 -9.26 -25.27 -12.92
N LYS C 109 -8.86 -26.39 -13.50
CA LYS C 109 -8.07 -26.42 -14.73
C LYS C 109 -8.90 -25.96 -15.92
N ASN C 110 -10.20 -26.15 -15.83
CA ASN C 110 -11.11 -25.77 -16.91
C ASN C 110 -11.57 -24.33 -16.81
N LEU C 111 -10.77 -23.52 -16.13
CA LEU C 111 -11.07 -22.11 -15.94
C LEU C 111 -9.91 -21.23 -16.42
N ARG C 112 -10.18 -20.38 -17.41
CA ARG C 112 -9.16 -19.45 -17.93
C ARG C 112 -9.57 -18.05 -17.46
N LEU C 113 -8.61 -17.30 -16.91
CA LEU C 113 -8.90 -15.95 -16.40
C LEU C 113 -8.11 -14.82 -17.05
N LEU C 114 -8.82 -13.76 -17.46
CA LEU C 114 -8.19 -12.60 -18.06
C LEU C 114 -8.55 -11.40 -17.22
N ILE C 115 -7.56 -10.74 -16.62
CA ILE C 115 -7.87 -9.58 -15.80
C ILE C 115 -7.36 -8.31 -16.45
N LEU C 116 -8.28 -7.42 -16.80
CA LEU C 116 -7.92 -6.13 -17.40
C LEU C 116 -8.05 -5.03 -16.35
N VAL C 117 -6.93 -4.40 -16.01
CA VAL C 117 -6.90 -3.35 -14.98
C VAL C 117 -6.71 -1.93 -15.52
N GLY C 118 -7.31 -0.95 -14.87
CA GLY C 118 -7.17 0.43 -15.30
C GLY C 118 -5.75 0.93 -15.05
N ARG C 119 -5.16 0.47 -13.96
CA ARG C 119 -3.78 0.83 -13.63
C ARG C 119 -3.22 -0.19 -12.64
N LEU C 120 -1.94 -0.06 -12.32
CA LEU C 120 -1.30 -0.97 -11.38
C LEU C 120 -1.43 -0.48 -9.93
N PHE C 121 -1.46 -1.42 -8.99
CA PHE C 121 -1.57 -1.11 -7.58
C PHE C 121 -0.28 -1.45 -6.84
N MET C 122 0.34 -0.46 -6.21
CA MET C 122 1.61 -0.66 -5.49
C MET C 122 2.60 -1.44 -6.36
N TRP C 123 2.61 -1.16 -7.66
CA TRP C 123 3.50 -1.88 -8.58
C TRP C 123 4.99 -1.83 -8.20
N GLU C 124 5.42 -0.73 -7.61
CA GLU C 124 6.82 -0.59 -7.24
C GLU C 124 7.26 -1.51 -6.10
N GLU C 125 6.32 -1.95 -5.27
CA GLU C 125 6.66 -2.84 -4.17
C GLU C 125 7.04 -4.24 -4.62
N PRO C 126 8.14 -4.77 -4.08
CA PRO C 126 8.59 -6.12 -4.45
C PRO C 126 7.59 -7.23 -4.09
N GLU C 127 6.79 -7.03 -3.05
CA GLU C 127 5.81 -8.06 -2.67
C GLU C 127 4.77 -8.18 -3.79
N ILE C 128 4.32 -7.04 -4.29
CA ILE C 128 3.32 -7.04 -5.34
C ILE C 128 3.87 -7.65 -6.63
N GLN C 129 5.10 -7.29 -6.95
CA GLN C 129 5.75 -7.81 -8.17
C GLN C 129 5.92 -9.31 -8.13
N ALA C 130 6.18 -9.85 -6.96
CA ALA C 130 6.36 -11.29 -6.87
C ALA C 130 5.00 -11.97 -7.06
N ALA C 131 3.97 -11.34 -6.53
CA ALA C 131 2.64 -11.90 -6.65
C ALA C 131 2.15 -11.90 -8.11
N LEU C 132 2.48 -10.84 -8.85
CA LEU C 132 2.06 -10.73 -10.23
C LEU C 132 2.73 -11.77 -11.11
N LYS C 133 3.98 -12.10 -10.79
CA LYS C 133 4.71 -13.10 -11.55
C LYS C 133 4.10 -14.47 -11.33
N LYS C 134 3.91 -14.83 -10.06
CA LYS C 134 3.32 -16.11 -9.69
C LYS C 134 1.95 -16.22 -10.33
N LEU C 135 1.29 -15.07 -10.43
CA LEU C 135 -0.02 -14.99 -11.02
C LEU C 135 0.07 -15.30 -12.50
N LYS C 136 1.06 -14.74 -13.18
CA LYS C 136 1.22 -14.98 -14.61
C LYS C 136 1.65 -16.43 -14.81
N GLU C 137 2.38 -16.97 -13.85
CA GLU C 137 2.82 -18.34 -13.95
C GLU C 137 1.68 -19.34 -13.71
N ALA C 138 0.63 -18.90 -13.02
CA ALA C 138 -0.50 -19.77 -12.76
C ALA C 138 -1.40 -19.85 -13.99
N GLY C 139 -1.00 -19.11 -15.05
CA GLY C 139 -1.77 -19.10 -16.29
C GLY C 139 -2.72 -17.91 -16.44
N CYS C 140 -2.79 -17.08 -15.40
CA CYS C 140 -3.66 -15.92 -15.42
C CYS C 140 -3.06 -14.80 -16.27
N LYS C 141 -3.75 -14.42 -17.32
CA LYS C 141 -3.23 -13.38 -18.21
C LYS C 141 -3.64 -12.03 -17.67
N LEU C 142 -2.67 -11.17 -17.38
CA LEU C 142 -2.97 -9.85 -16.84
C LEU C 142 -2.53 -8.75 -17.82
N ARG C 143 -3.42 -7.81 -18.12
CA ARG C 143 -3.09 -6.71 -19.05
C ARG C 143 -3.67 -5.37 -18.60
N ILE C 144 -3.13 -4.29 -19.15
CA ILE C 144 -3.61 -2.96 -18.82
C ILE C 144 -4.74 -2.52 -19.76
N MET C 145 -5.73 -1.84 -19.21
CA MET C 145 -6.87 -1.37 -19.99
C MET C 145 -6.50 -0.23 -20.92
N LYS C 146 -6.81 -0.40 -22.19
CA LYS C 146 -6.52 0.65 -23.15
C LYS C 146 -7.80 1.43 -23.41
N PRO C 147 -7.70 2.57 -24.11
CA PRO C 147 -8.88 3.40 -24.40
C PRO C 147 -10.10 2.60 -24.88
N GLN C 148 -9.88 1.65 -25.77
CA GLN C 148 -10.99 0.85 -26.29
C GLN C 148 -11.68 0.09 -25.17
N ASP C 149 -10.90 -0.32 -24.16
CA ASP C 149 -11.46 -1.08 -23.06
C ASP C 149 -12.43 -0.26 -22.25
N PHE C 150 -12.06 0.98 -21.93
CA PHE C 150 -12.92 1.84 -21.14
C PHE C 150 -14.21 2.10 -21.88
N GLU C 151 -14.09 2.38 -23.17
CA GLU C 151 -15.26 2.61 -23.98
C GLU C 151 -16.17 1.35 -23.98
N TYR C 152 -15.56 0.17 -24.09
CA TYR C 152 -16.30 -1.07 -24.08
C TYR C 152 -17.13 -1.21 -22.78
N VAL C 153 -16.44 -1.08 -21.66
CA VAL C 153 -17.07 -1.21 -20.35
C VAL C 153 -18.19 -0.21 -20.17
N TRP C 154 -17.95 1.00 -20.62
CA TRP C 154 -18.93 2.08 -20.50
C TRP C 154 -20.20 1.79 -21.26
N GLN C 155 -20.08 1.41 -22.52
CA GLN C 155 -21.24 1.15 -23.37
C GLN C 155 -21.90 -0.23 -23.17
N ASN C 156 -21.22 -1.12 -22.46
CA ASN C 156 -21.75 -2.46 -22.24
C ASN C 156 -22.10 -2.79 -20.80
N PHE C 157 -21.48 -2.12 -19.83
CA PHE C 157 -21.74 -2.40 -18.42
C PHE C 157 -22.51 -1.27 -17.75
N VAL C 158 -22.36 -0.07 -18.28
CA VAL C 158 -23.04 1.09 -17.72
C VAL C 158 -24.36 1.27 -18.41
N GLU C 159 -25.44 1.17 -17.64
CA GLU C 159 -26.78 1.33 -18.17
C GLU C 159 -26.96 2.75 -18.70
N GLN C 160 -27.24 2.85 -19.98
CA GLN C 160 -27.40 4.14 -20.58
C GLN C 160 -28.60 4.95 -20.06
N GLU C 161 -28.27 6.14 -19.55
CA GLU C 161 -29.24 7.08 -19.00
C GLU C 161 -30.58 6.97 -19.72
N GLU C 162 -30.50 6.84 -21.05
CA GLU C 162 -31.69 6.71 -21.89
C GLU C 162 -31.34 5.84 -23.09
N GLY C 163 -32.00 4.69 -23.21
CA GLY C 163 -31.77 3.75 -24.31
C GLY C 163 -31.60 4.47 -25.66
N GLU C 164 -30.37 4.47 -26.17
CA GLU C 164 -30.00 5.09 -27.45
C GLU C 164 -29.88 6.62 -27.36
N SER C 165 -29.21 7.12 -26.31
CA SER C 165 -29.00 8.57 -26.09
C SER C 165 -27.78 8.87 -25.22
N LYS C 166 -26.60 8.51 -25.72
CA LYS C 166 -25.34 8.72 -25.02
C LYS C 166 -24.12 8.42 -25.89
N ALA C 167 -22.93 8.74 -25.37
CA ALA C 167 -21.68 8.51 -26.09
C ALA C 167 -20.50 8.53 -25.13
N PHE C 168 -19.41 7.89 -25.55
CA PHE C 168 -18.21 7.82 -24.72
C PHE C 168 -17.28 8.99 -25.02
N GLN C 169 -16.76 9.63 -23.97
CA GLN C 169 -15.85 10.76 -24.12
C GLN C 169 -14.51 10.49 -23.43
N PRO C 170 -13.43 10.42 -24.23
CA PRO C 170 -12.10 10.16 -23.69
C PRO C 170 -11.60 11.30 -22.84
N TRP C 171 -10.70 10.98 -21.92
CA TRP C 171 -10.16 11.99 -21.03
C TRP C 171 -8.64 12.25 -21.22
N GLU C 172 -8.26 13.49 -21.01
CA GLU C 172 -6.88 13.94 -21.15
C GLU C 172 -5.76 12.89 -21.19
N ASP C 173 -5.58 12.16 -20.10
CA ASP C 173 -4.51 11.17 -20.04
C ASP C 173 -4.98 9.72 -20.09
N ILE C 174 -5.88 9.40 -21.01
CA ILE C 174 -6.38 8.05 -21.12
C ILE C 174 -5.34 7.18 -21.80
N GLN C 175 -4.59 7.78 -22.71
CA GLN C 175 -3.59 7.04 -23.47
C GLN C 175 -2.25 7.00 -22.73
N GLU C 176 -1.82 8.14 -22.22
CA GLU C 176 -0.56 8.24 -21.52
C GLU C 176 -0.52 7.35 -20.28
N ASN C 177 -1.66 7.19 -19.62
CA ASN C 177 -1.76 6.37 -18.42
C ASN C 177 -1.62 4.91 -18.79
N PHE C 178 -2.28 4.50 -19.87
CA PHE C 178 -2.21 3.13 -20.31
C PHE C 178 -0.78 2.74 -20.74
N LEU C 179 -0.20 3.55 -21.61
CA LEU C 179 1.15 3.30 -22.10
C LEU C 179 2.16 3.22 -20.97
N TYR C 180 1.88 3.91 -19.87
CA TYR C 180 2.80 3.90 -18.74
C TYR C 180 2.77 2.56 -18.00
N TYR C 181 1.58 2.13 -17.59
CA TYR C 181 1.47 0.88 -16.86
C TYR C 181 1.66 -0.35 -17.75
N GLU C 182 1.38 -0.22 -19.03
CA GLU C 182 1.58 -1.35 -19.92
C GLU C 182 3.06 -1.66 -19.90
N GLU C 183 3.89 -0.63 -20.02
CA GLU C 183 5.35 -0.78 -20.03
C GLU C 183 5.86 -1.32 -18.69
N LYS C 184 5.23 -0.85 -17.62
CA LYS C 184 5.61 -1.26 -16.30
C LYS C 184 5.26 -2.71 -16.03
N LEU C 185 4.01 -3.09 -16.30
CA LEU C 185 3.55 -4.45 -16.08
C LEU C 185 4.41 -5.43 -16.84
N ALA C 186 4.78 -5.06 -18.05
CA ALA C 186 5.60 -5.91 -18.89
C ALA C 186 6.97 -6.13 -18.26
N ASP C 187 7.63 -5.05 -17.90
CA ASP C 187 8.94 -5.13 -17.29
C ASP C 187 8.98 -6.15 -16.17
N ILE C 188 8.03 -6.03 -15.26
CA ILE C 188 7.99 -6.94 -14.15
C ILE C 188 7.62 -8.35 -14.53
N LEU C 189 6.52 -8.48 -15.26
CA LEU C 189 6.01 -9.78 -15.67
C LEU C 189 7.00 -10.69 -16.35
N LYS C 190 7.07 -10.61 -17.66
CA LYS C 190 8.00 -11.42 -18.42
C LYS C 190 9.42 -11.05 -18.04
N MET D 6 -24.06 -10.74 -26.31
CA MET D 6 -23.36 -11.98 -25.86
C MET D 6 -23.74 -13.19 -26.71
N ILE D 7 -25.01 -13.31 -27.09
CA ILE D 7 -25.43 -14.43 -27.93
C ILE D 7 -24.99 -14.19 -29.38
N VAL D 8 -24.42 -15.20 -30.01
CA VAL D 8 -23.95 -15.08 -31.38
C VAL D 8 -24.62 -16.10 -32.31
N THR D 9 -25.28 -15.58 -33.34
CA THR D 9 -25.96 -16.42 -34.31
C THR D 9 -25.81 -15.84 -35.71
N GLY D 10 -25.91 -16.71 -36.71
CA GLY D 10 -25.78 -16.26 -38.07
C GLY D 10 -27.09 -15.73 -38.61
N GLU D 11 -28.11 -15.70 -37.75
CA GLU D 11 -29.43 -15.23 -38.15
C GLU D 11 -29.52 -13.71 -38.03
N ARG D 12 -29.83 -13.06 -39.15
CA ARG D 12 -29.92 -11.61 -39.17
C ARG D 12 -31.35 -11.13 -38.87
N LEU D 13 -32.32 -12.01 -39.04
CA LEU D 13 -33.71 -11.65 -38.78
C LEU D 13 -34.17 -12.23 -37.46
N PRO D 14 -34.71 -11.37 -36.59
CA PRO D 14 -35.20 -11.82 -35.28
C PRO D 14 -36.36 -12.79 -35.37
N ALA D 15 -37.10 -12.68 -36.46
CA ALA D 15 -38.25 -13.56 -36.66
C ALA D 15 -37.78 -15.01 -36.75
N ASN D 16 -36.58 -15.21 -37.27
CA ASN D 16 -36.02 -16.56 -37.41
C ASN D 16 -35.31 -17.01 -36.14
N PHE D 17 -34.61 -16.07 -35.52
CA PHE D 17 -33.90 -16.33 -34.30
C PHE D 17 -34.85 -16.82 -33.20
N PHE D 18 -36.01 -16.16 -33.09
CA PHE D 18 -37.01 -16.53 -32.08
C PHE D 18 -37.88 -17.70 -32.48
N LYS D 19 -37.73 -18.15 -33.72
CA LYS D 19 -38.49 -19.27 -34.24
C LYS D 19 -37.70 -20.57 -34.08
N PHE D 20 -36.38 -20.50 -34.27
CA PHE D 20 -35.55 -21.70 -34.19
C PHE D 20 -34.60 -21.72 -33.00
N GLN D 21 -33.61 -20.84 -33.03
CA GLN D 21 -32.65 -20.77 -31.95
C GLN D 21 -33.24 -20.58 -30.58
N PHE D 22 -34.16 -19.63 -30.45
CA PHE D 22 -34.79 -19.33 -29.14
C PHE D 22 -35.70 -20.46 -28.63
N ARG D 23 -36.08 -21.35 -29.55
CA ARG D 23 -36.97 -22.46 -29.23
C ARG D 23 -36.40 -23.50 -28.26
N ASN D 24 -37.30 -24.19 -27.58
CA ASN D 24 -36.95 -25.28 -26.66
C ASN D 24 -37.72 -26.51 -27.11
N VAL D 25 -36.99 -27.60 -27.37
CA VAL D 25 -37.61 -28.84 -27.84
C VAL D 25 -37.04 -30.07 -27.15
N GLU D 26 -37.91 -30.99 -26.79
CA GLU D 26 -37.46 -32.22 -26.17
C GLU D 26 -37.60 -33.37 -27.18
N TYR D 27 -36.49 -33.72 -27.84
CA TYR D 27 -36.50 -34.80 -28.83
C TYR D 27 -36.73 -36.14 -28.13
N SER D 28 -35.92 -36.43 -27.12
CA SER D 28 -36.03 -37.68 -26.37
C SER D 28 -35.95 -37.38 -24.88
N SER D 29 -36.16 -38.40 -24.06
CA SER D 29 -36.15 -38.25 -22.62
C SER D 29 -34.94 -37.46 -22.10
N GLY D 30 -33.74 -37.89 -22.45
CA GLY D 30 -32.59 -37.17 -21.96
C GLY D 30 -31.80 -36.45 -23.03
N ARG D 31 -32.49 -36.01 -24.07
CA ARG D 31 -31.86 -35.30 -25.18
C ARG D 31 -32.81 -34.23 -25.67
N ASN D 32 -32.59 -33.00 -25.21
CA ASN D 32 -33.46 -31.94 -25.66
C ASN D 32 -32.71 -30.64 -25.88
N LYS D 33 -33.17 -29.86 -26.86
CA LYS D 33 -32.56 -28.58 -27.20
C LYS D 33 -33.03 -27.58 -26.14
N THR D 34 -32.08 -27.00 -25.43
CA THR D 34 -32.36 -26.02 -24.39
C THR D 34 -31.91 -24.61 -24.76
N PHE D 35 -32.60 -23.62 -24.22
CA PHE D 35 -32.24 -22.22 -24.47
C PHE D 35 -32.97 -21.33 -23.48
N LEU D 36 -32.23 -20.53 -22.71
CA LEU D 36 -32.87 -19.66 -21.73
C LEU D 36 -32.10 -18.36 -21.52
N CYS D 37 -32.81 -17.23 -21.50
CA CYS D 37 -32.19 -15.93 -21.25
C CYS D 37 -32.59 -15.48 -19.85
N TYR D 38 -31.68 -14.85 -19.12
CA TYR D 38 -32.00 -14.42 -17.77
C TYR D 38 -31.36 -13.11 -17.35
N VAL D 39 -31.80 -12.59 -16.22
CA VAL D 39 -31.30 -11.36 -15.65
C VAL D 39 -31.34 -11.53 -14.14
N VAL D 40 -30.24 -11.19 -13.46
CA VAL D 40 -30.18 -11.30 -12.00
C VAL D 40 -29.87 -9.95 -11.35
N GLU D 41 -30.67 -9.59 -10.34
CA GLU D 41 -30.54 -8.33 -9.59
C GLU D 41 -30.61 -8.66 -8.09
N ALA D 42 -29.51 -8.49 -7.38
CA ALA D 42 -29.47 -8.80 -5.95
C ALA D 42 -29.11 -7.59 -5.11
N GLN D 43 -29.96 -7.27 -4.16
CA GLN D 43 -29.72 -6.14 -3.27
C GLN D 43 -29.65 -6.64 -1.84
N GLY D 44 -28.54 -6.37 -1.18
CA GLY D 44 -28.38 -6.81 0.19
C GLY D 44 -28.39 -5.72 1.24
N LYS D 45 -29.33 -4.78 1.13
CA LYS D 45 -29.46 -3.70 2.10
C LYS D 45 -28.15 -3.39 2.85
N GLY D 46 -27.32 -2.52 2.26
CA GLY D 46 -26.06 -2.15 2.90
C GLY D 46 -25.02 -1.75 1.88
N GLY D 47 -25.47 -1.25 0.74
CA GLY D 47 -24.54 -0.84 -0.29
C GLY D 47 -24.22 -1.97 -1.25
N GLN D 48 -24.45 -3.21 -0.82
CA GLN D 48 -24.18 -4.37 -1.65
C GLN D 48 -25.24 -4.59 -2.73
N VAL D 49 -24.82 -4.37 -3.98
CA VAL D 49 -25.68 -4.52 -5.13
C VAL D 49 -25.09 -5.54 -6.10
N GLN D 50 -25.95 -6.28 -6.79
CA GLN D 50 -25.48 -7.29 -7.74
C GLN D 50 -26.38 -7.31 -8.98
N ALA D 51 -25.78 -7.31 -10.15
CA ALA D 51 -26.58 -7.33 -11.37
C ALA D 51 -25.86 -8.06 -12.50
N SER D 52 -26.61 -8.82 -13.30
CA SER D 52 -26.03 -9.53 -14.41
C SER D 52 -27.10 -10.00 -15.38
N ARG D 53 -26.67 -10.43 -16.55
CA ARG D 53 -27.60 -10.96 -17.54
C ARG D 53 -26.86 -11.91 -18.49
N GLY D 54 -27.37 -13.12 -18.64
CA GLY D 54 -26.74 -14.08 -19.52
C GLY D 54 -27.75 -15.01 -20.17
N TYR D 55 -27.29 -16.16 -20.65
CA TYR D 55 -28.17 -17.12 -21.29
C TYR D 55 -27.55 -18.52 -21.32
N LEU D 56 -28.38 -19.53 -21.61
CA LEU D 56 -27.96 -20.92 -21.65
C LEU D 56 -28.50 -21.53 -22.91
N GLU D 57 -27.78 -22.50 -23.44
CA GLU D 57 -28.22 -23.18 -24.64
C GLU D 57 -27.47 -24.50 -24.79
N ASP D 58 -28.20 -25.53 -25.17
CA ASP D 58 -27.63 -26.86 -25.38
C ASP D 58 -28.48 -27.53 -26.45
N GLU D 59 -27.87 -28.47 -27.18
CA GLU D 59 -28.56 -29.20 -28.24
C GLU D 59 -28.78 -30.66 -27.82
N HIS D 60 -28.04 -31.08 -26.78
CA HIS D 60 -28.15 -32.45 -26.27
C HIS D 60 -28.24 -32.44 -24.74
N ALA D 61 -28.97 -31.47 -24.21
CA ALA D 61 -29.14 -31.35 -22.76
C ALA D 61 -29.95 -32.50 -22.18
N ALA D 62 -29.53 -33.01 -21.04
CA ALA D 62 -30.23 -34.09 -20.39
C ALA D 62 -31.42 -33.55 -19.60
N ALA D 63 -31.43 -32.24 -19.38
CA ALA D 63 -32.52 -31.62 -18.64
C ALA D 63 -33.02 -30.36 -19.35
N HIS D 64 -34.16 -29.84 -18.93
CA HIS D 64 -34.71 -28.61 -19.53
C HIS D 64 -34.01 -27.38 -18.98
N ALA D 65 -34.08 -26.30 -19.75
CA ALA D 65 -33.45 -25.03 -19.40
C ALA D 65 -33.74 -24.61 -17.96
N GLU D 66 -34.96 -24.85 -17.50
CA GLU D 66 -35.36 -24.49 -16.15
C GLU D 66 -34.54 -25.21 -15.08
N GLU D 67 -34.24 -26.47 -15.34
CA GLU D 67 -33.46 -27.26 -14.41
C GLU D 67 -32.02 -26.82 -14.47
N ALA D 68 -31.50 -26.65 -15.67
CA ALA D 68 -30.11 -26.27 -15.86
C ALA D 68 -29.72 -24.97 -15.17
N PHE D 69 -30.67 -24.05 -15.11
CA PHE D 69 -30.42 -22.75 -14.50
C PHE D 69 -30.10 -22.85 -13.02
N PHE D 70 -31.03 -23.40 -12.26
CA PHE D 70 -30.87 -23.53 -10.82
C PHE D 70 -29.83 -24.54 -10.38
N ASN D 71 -29.23 -25.24 -11.33
CA ASN D 71 -28.23 -26.25 -10.99
C ASN D 71 -26.80 -25.83 -11.31
N THR D 72 -26.62 -24.79 -12.11
CA THR D 72 -25.28 -24.34 -12.47
C THR D 72 -25.13 -22.83 -12.49
N ILE D 73 -26.17 -22.12 -12.93
CA ILE D 73 -26.14 -20.66 -12.99
C ILE D 73 -26.29 -20.03 -11.60
N LEU D 74 -27.36 -20.37 -10.89
CA LEU D 74 -27.59 -19.85 -9.56
C LEU D 74 -27.74 -20.99 -8.55
N PRO D 75 -26.68 -21.78 -8.35
CA PRO D 75 -26.72 -22.89 -7.40
C PRO D 75 -26.80 -22.38 -6.00
N ALA D 76 -26.02 -21.35 -5.71
CA ALA D 76 -25.98 -20.76 -4.38
C ALA D 76 -26.67 -19.39 -4.30
N PHE D 77 -27.17 -19.07 -3.12
CA PHE D 77 -27.85 -17.79 -2.87
C PHE D 77 -27.34 -17.16 -1.59
N ASP D 78 -26.99 -15.87 -1.66
CA ASP D 78 -26.50 -15.15 -0.50
C ASP D 78 -27.72 -14.78 0.36
N PRO D 79 -27.91 -15.47 1.51
CA PRO D 79 -29.02 -15.23 2.43
C PRO D 79 -29.22 -13.77 2.82
N ALA D 80 -28.21 -12.95 2.58
CA ALA D 80 -28.28 -11.53 2.90
C ALA D 80 -28.94 -10.73 1.78
N LEU D 81 -28.51 -10.99 0.56
CA LEU D 81 -29.03 -10.30 -0.60
C LEU D 81 -30.44 -10.78 -0.97
N ARG D 82 -31.22 -9.87 -1.53
CA ARG D 82 -32.57 -10.19 -1.96
C ARG D 82 -32.49 -10.36 -3.47
N TYR D 83 -32.75 -11.56 -3.96
CA TYR D 83 -32.65 -11.82 -5.38
C TYR D 83 -33.91 -11.60 -6.19
N ASN D 84 -33.76 -10.98 -7.37
CA ASN D 84 -34.86 -10.72 -8.28
C ASN D 84 -34.45 -11.28 -9.67
N VAL D 85 -34.94 -12.48 -9.99
CA VAL D 85 -34.60 -13.12 -11.24
C VAL D 85 -35.69 -12.97 -12.28
N THR D 86 -35.28 -12.78 -13.53
CA THR D 86 -36.22 -12.64 -14.64
C THR D 86 -35.79 -13.55 -15.79
N TRP D 87 -36.69 -14.41 -16.24
CA TRP D 87 -36.37 -15.32 -17.34
C TRP D 87 -37.08 -14.93 -18.64
N TYR D 88 -36.45 -15.31 -19.75
CA TYR D 88 -37.01 -15.08 -21.08
C TYR D 88 -36.91 -16.43 -21.80
N VAL D 89 -38.01 -17.17 -21.82
CA VAL D 89 -38.05 -18.47 -22.46
C VAL D 89 -39.07 -18.47 -23.58
N SER D 90 -38.97 -19.45 -24.47
CA SER D 90 -39.87 -19.56 -25.61
C SER D 90 -41.24 -20.10 -25.20
N SER D 91 -41.28 -20.93 -24.18
CA SER D 91 -42.54 -21.48 -23.73
C SER D 91 -42.53 -21.67 -22.22
N SER D 92 -43.72 -21.70 -21.64
CA SER D 92 -43.88 -21.89 -20.20
C SER D 92 -43.33 -23.25 -19.80
N PRO D 93 -42.97 -23.41 -18.53
CA PRO D 93 -42.42 -24.68 -18.03
C PRO D 93 -43.43 -25.83 -18.06
N CYS D 94 -42.93 -27.05 -18.07
CA CYS D 94 -43.80 -28.23 -18.08
C CYS D 94 -44.21 -28.56 -16.66
N ALA D 95 -45.03 -29.58 -16.52
CA ALA D 95 -45.49 -29.98 -15.19
C ALA D 95 -44.31 -30.25 -14.25
N ALA D 96 -43.34 -31.02 -14.72
CA ALA D 96 -42.18 -31.36 -13.90
C ALA D 96 -41.32 -30.15 -13.55
N CYS D 97 -41.03 -29.33 -14.55
CA CYS D 97 -40.21 -28.15 -14.33
C CYS D 97 -40.86 -27.18 -13.35
N ALA D 98 -42.17 -27.04 -13.44
CA ALA D 98 -42.90 -26.16 -12.55
C ALA D 98 -42.67 -26.58 -11.09
N ASP D 99 -42.67 -27.88 -10.85
CA ASP D 99 -42.45 -28.38 -9.49
C ASP D 99 -41.06 -28.01 -9.00
N ARG D 100 -40.05 -28.27 -9.82
CA ARG D 100 -38.67 -27.94 -9.44
C ARG D 100 -38.64 -26.47 -9.04
N ILE D 101 -39.24 -25.63 -9.89
CA ILE D 101 -39.28 -24.19 -9.65
C ILE D 101 -39.95 -23.90 -8.31
N ILE D 102 -41.06 -24.56 -8.06
CA ILE D 102 -41.78 -24.36 -6.81
C ILE D 102 -40.95 -24.82 -5.60
N LYS D 103 -40.33 -25.99 -5.72
CA LYS D 103 -39.52 -26.50 -4.62
C LYS D 103 -38.35 -25.59 -4.31
N THR D 104 -37.75 -25.01 -5.35
CA THR D 104 -36.63 -24.09 -5.15
C THR D 104 -37.15 -22.79 -4.54
N LEU D 105 -38.25 -22.28 -5.08
CA LEU D 105 -38.86 -21.04 -4.57
C LEU D 105 -39.26 -21.24 -3.13
N SER D 106 -39.59 -22.48 -2.79
CA SER D 106 -39.99 -22.84 -1.43
C SER D 106 -38.80 -22.80 -0.47
N LYS D 107 -37.65 -23.31 -0.93
CA LYS D 107 -36.43 -23.32 -0.12
C LYS D 107 -35.92 -21.92 0.14
N THR D 108 -35.53 -21.19 -0.91
CA THR D 108 -35.00 -19.85 -0.74
C THR D 108 -36.13 -18.81 -0.71
N LYS D 109 -36.31 -18.18 0.45
CA LYS D 109 -37.36 -17.19 0.58
C LYS D 109 -36.88 -15.82 0.12
N ASN D 110 -35.57 -15.68 -0.03
CA ASN D 110 -35.01 -14.41 -0.46
C ASN D 110 -34.95 -14.30 -1.99
N LEU D 111 -35.57 -15.25 -2.68
CA LEU D 111 -35.59 -15.30 -4.13
C LEU D 111 -36.97 -14.99 -4.70
N ARG D 112 -37.01 -14.17 -5.74
CA ARG D 112 -38.27 -13.80 -6.37
C ARG D 112 -38.07 -14.01 -7.87
N LEU D 113 -38.92 -14.84 -8.49
CA LEU D 113 -38.81 -15.17 -9.90
C LEU D 113 -39.92 -14.62 -10.79
N LEU D 114 -39.53 -14.22 -12.00
CA LEU D 114 -40.43 -13.67 -13.01
C LEU D 114 -40.13 -14.37 -14.34
N ILE D 115 -41.11 -15.12 -14.83
CA ILE D 115 -40.93 -15.81 -16.07
C ILE D 115 -41.74 -15.17 -17.18
N LEU D 116 -41.03 -14.74 -18.24
CA LEU D 116 -41.66 -14.12 -19.40
C LEU D 116 -41.63 -15.10 -20.58
N VAL D 117 -42.70 -15.86 -20.77
CA VAL D 117 -42.76 -16.85 -21.87
C VAL D 117 -43.26 -16.30 -23.19
N GLY D 118 -42.76 -16.84 -24.31
CA GLY D 118 -43.19 -16.40 -25.62
C GLY D 118 -44.54 -16.99 -25.97
N ARG D 119 -44.84 -18.13 -25.37
CA ARG D 119 -46.13 -18.78 -25.62
C ARG D 119 -46.39 -19.73 -24.48
N LEU D 120 -47.63 -20.21 -24.42
CA LEU D 120 -48.00 -21.15 -23.38
C LEU D 120 -47.78 -22.60 -23.85
N PHE D 121 -46.92 -23.32 -23.13
CA PHE D 121 -46.60 -24.71 -23.44
C PHE D 121 -47.75 -25.67 -23.10
N MET D 122 -48.50 -26.10 -24.12
CA MET D 122 -49.63 -27.01 -23.93
C MET D 122 -50.60 -26.55 -22.85
N TRP D 123 -51.17 -25.37 -23.06
CA TRP D 123 -52.09 -24.79 -22.10
C TRP D 123 -53.39 -25.56 -22.04
N GLU D 124 -53.63 -26.41 -23.04
CA GLU D 124 -54.85 -27.20 -23.05
C GLU D 124 -54.83 -28.32 -22.02
N GLU D 125 -53.64 -28.82 -21.67
CA GLU D 125 -53.53 -29.89 -20.67
C GLU D 125 -53.95 -29.41 -19.30
N PRO D 126 -54.88 -30.13 -18.66
CA PRO D 126 -55.34 -29.75 -17.32
C PRO D 126 -54.19 -29.87 -16.32
N GLU D 127 -53.23 -30.72 -16.64
CA GLU D 127 -52.08 -30.92 -15.77
C GLU D 127 -51.21 -29.68 -15.84
N ILE D 128 -51.13 -29.08 -17.02
CA ILE D 128 -50.34 -27.88 -17.20
C ILE D 128 -51.00 -26.68 -16.52
N GLN D 129 -52.32 -26.60 -16.61
CA GLN D 129 -53.03 -25.49 -15.99
C GLN D 129 -52.87 -25.55 -14.49
N ALA D 130 -52.68 -26.76 -13.97
CA ALA D 130 -52.50 -26.95 -12.54
C ALA D 130 -51.13 -26.45 -12.12
N ALA D 131 -50.13 -26.70 -12.94
CA ALA D 131 -48.76 -26.28 -12.65
C ALA D 131 -48.67 -24.76 -12.63
N LEU D 132 -49.20 -24.10 -13.68
CA LEU D 132 -49.17 -22.65 -13.75
C LEU D 132 -49.80 -22.03 -12.51
N LYS D 133 -50.94 -22.57 -12.09
CA LYS D 133 -51.64 -22.05 -10.92
C LYS D 133 -50.80 -22.27 -9.67
N LYS D 134 -50.26 -23.46 -9.50
CA LYS D 134 -49.43 -23.73 -8.33
C LYS D 134 -48.15 -22.88 -8.36
N LEU D 135 -47.70 -22.55 -9.56
CA LEU D 135 -46.51 -21.74 -9.74
C LEU D 135 -46.77 -20.34 -9.18
N LYS D 136 -47.96 -19.83 -9.42
CA LYS D 136 -48.38 -18.53 -8.92
C LYS D 136 -48.55 -18.59 -7.40
N GLU D 137 -48.95 -19.76 -6.92
CA GLU D 137 -49.13 -20.00 -5.49
C GLU D 137 -47.80 -19.85 -4.80
N ALA D 138 -46.76 -20.42 -5.41
CA ALA D 138 -45.41 -20.35 -4.84
C ALA D 138 -44.84 -18.93 -4.85
N GLY D 139 -45.60 -18.00 -5.42
CA GLY D 139 -45.18 -16.61 -5.50
C GLY D 139 -44.45 -16.23 -6.79
N CYS D 140 -44.49 -17.13 -7.76
CA CYS D 140 -43.84 -16.90 -9.04
C CYS D 140 -44.71 -16.04 -9.96
N LYS D 141 -44.12 -15.06 -10.61
CA LYS D 141 -44.85 -14.17 -11.51
C LYS D 141 -44.68 -14.64 -12.95
N LEU D 142 -45.80 -14.93 -13.61
CA LEU D 142 -45.76 -15.38 -14.99
C LEU D 142 -46.41 -14.36 -15.91
N ARG D 143 -45.77 -14.12 -17.06
CA ARG D 143 -46.31 -13.17 -18.05
C ARG D 143 -45.94 -13.57 -19.48
N ILE D 144 -46.78 -13.19 -20.41
CA ILE D 144 -46.51 -13.50 -21.80
C ILE D 144 -45.65 -12.39 -22.38
N MET D 145 -44.59 -12.76 -23.09
CA MET D 145 -43.71 -11.76 -23.68
C MET D 145 -44.46 -10.84 -24.63
N LYS D 146 -44.36 -9.54 -24.38
CA LYS D 146 -45.00 -8.55 -25.24
C LYS D 146 -44.05 -8.25 -26.41
N PRO D 147 -44.58 -7.68 -27.51
CA PRO D 147 -43.71 -7.37 -28.65
C PRO D 147 -42.45 -6.60 -28.20
N GLN D 148 -42.61 -5.72 -27.21
CA GLN D 148 -41.50 -4.95 -26.68
C GLN D 148 -40.42 -5.86 -26.06
N ASP D 149 -40.88 -6.96 -25.47
CA ASP D 149 -39.99 -7.95 -24.83
C ASP D 149 -39.04 -8.63 -25.84
N PHE D 150 -39.58 -9.04 -26.99
CA PHE D 150 -38.75 -9.68 -27.99
C PHE D 150 -37.68 -8.70 -28.46
N GLU D 151 -38.05 -7.43 -28.58
CA GLU D 151 -37.11 -6.41 -29.01
C GLU D 151 -36.07 -6.19 -27.92
N TYR D 152 -36.49 -6.32 -26.67
CA TYR D 152 -35.58 -6.13 -25.56
C TYR D 152 -34.50 -7.22 -25.53
N VAL D 153 -34.95 -8.47 -25.70
CA VAL D 153 -34.04 -9.60 -25.71
C VAL D 153 -33.12 -9.56 -26.93
N TRP D 154 -33.63 -9.02 -28.03
CA TRP D 154 -32.85 -8.96 -29.25
C TRP D 154 -31.74 -7.94 -29.20
N GLN D 155 -31.99 -6.82 -28.55
CA GLN D 155 -31.01 -5.76 -28.48
C GLN D 155 -30.17 -5.75 -27.21
N ASN D 156 -30.36 -6.74 -26.35
CA ASN D 156 -29.60 -6.76 -25.10
C ASN D 156 -28.95 -8.11 -24.83
N PHE D 157 -29.28 -9.09 -25.67
CA PHE D 157 -28.72 -10.42 -25.53
C PHE D 157 -28.07 -10.88 -26.83
N VAL D 158 -28.69 -10.58 -27.95
CA VAL D 158 -28.15 -11.01 -29.22
C VAL D 158 -27.09 -10.03 -29.70
N GLU D 159 -25.87 -10.52 -29.89
CA GLU D 159 -24.78 -9.68 -30.35
C GLU D 159 -25.07 -9.31 -31.80
N GLN D 160 -25.71 -8.16 -31.99
CA GLN D 160 -26.11 -7.72 -33.32
C GLN D 160 -24.98 -7.08 -34.15
N GLU D 161 -25.21 -7.02 -35.46
CA GLU D 161 -24.25 -6.43 -36.42
C GLU D 161 -22.95 -7.22 -36.44
N PHE D 168 -35.08 -3.01 -34.93
CA PHE D 168 -35.77 -4.28 -34.71
C PHE D 168 -36.55 -4.59 -35.99
N GLN D 169 -37.30 -5.68 -35.98
CA GLN D 169 -38.05 -6.08 -37.16
C GLN D 169 -39.07 -7.13 -36.74
N PRO D 170 -40.21 -6.68 -36.16
CA PRO D 170 -41.29 -7.55 -35.69
C PRO D 170 -42.02 -8.25 -36.82
N TRP D 171 -42.69 -9.35 -36.48
CA TRP D 171 -43.45 -10.12 -37.45
C TRP D 171 -44.95 -9.88 -37.29
N GLU D 172 -45.64 -9.87 -38.42
CA GLU D 172 -47.07 -9.60 -38.46
C GLU D 172 -47.91 -10.11 -37.29
N ASP D 173 -47.60 -11.30 -36.78
CA ASP D 173 -48.36 -11.85 -35.68
C ASP D 173 -47.73 -11.68 -34.31
N ILE D 174 -46.74 -10.81 -34.19
CA ILE D 174 -46.09 -10.61 -32.92
C ILE D 174 -47.06 -10.09 -31.86
N GLN D 175 -47.93 -9.17 -32.23
CA GLN D 175 -48.85 -8.62 -31.24
C GLN D 175 -50.02 -9.56 -30.99
N GLU D 176 -50.52 -10.12 -32.08
CA GLU D 176 -51.63 -11.05 -32.04
C GLU D 176 -51.33 -12.24 -31.12
N ASN D 177 -50.11 -12.76 -31.15
CA ASN D 177 -49.74 -13.90 -30.29
C ASN D 177 -49.76 -13.51 -28.81
N PHE D 178 -49.12 -12.40 -28.47
CA PHE D 178 -49.11 -11.92 -27.11
C PHE D 178 -50.55 -11.87 -26.54
N LEU D 179 -51.42 -11.15 -27.24
CA LEU D 179 -52.82 -11.02 -26.81
C LEU D 179 -53.48 -12.38 -26.65
N TYR D 180 -53.25 -13.25 -27.62
CA TYR D 180 -53.81 -14.58 -27.60
C TYR D 180 -53.42 -15.32 -26.30
N TYR D 181 -52.12 -15.52 -26.08
CA TYR D 181 -51.65 -16.24 -24.91
C TYR D 181 -51.83 -15.47 -23.63
N GLU D 182 -52.00 -14.16 -23.72
CA GLU D 182 -52.22 -13.38 -22.53
C GLU D 182 -53.61 -13.74 -21.93
N GLU D 183 -54.59 -13.91 -22.81
CA GLU D 183 -55.93 -14.22 -22.36
C GLU D 183 -55.98 -15.64 -21.82
N LYS D 184 -55.33 -16.56 -22.52
CA LYS D 184 -55.31 -17.92 -22.05
C LYS D 184 -54.72 -17.99 -20.64
N LEU D 185 -53.57 -17.37 -20.43
CA LEU D 185 -52.90 -17.41 -19.12
C LEU D 185 -53.73 -16.82 -18.00
N ALA D 186 -54.42 -15.74 -18.31
CA ALA D 186 -55.24 -15.05 -17.34
C ALA D 186 -56.35 -15.98 -16.80
N ASP D 187 -57.12 -16.55 -17.71
CA ASP D 187 -58.21 -17.44 -17.34
C ASP D 187 -57.74 -18.61 -16.46
N ILE D 188 -56.48 -19.00 -16.62
CA ILE D 188 -55.90 -20.10 -15.87
C ILE D 188 -55.54 -19.73 -14.45
N LEU D 189 -55.07 -18.51 -14.23
CA LEU D 189 -54.69 -18.06 -12.91
C LEU D 189 -55.85 -17.46 -12.10
N LYS D 190 -56.36 -16.31 -12.53
CA LYS D 190 -57.48 -15.68 -11.82
C LYS D 190 -58.76 -15.62 -12.67
ZN ZN E . 4.14 4.58 7.88
ZN ZN F . 30.48 18.91 35.70
ZN ZN G . -7.06 -7.74 -2.67
ZN ZN H . -39.88 -28.56 -18.67
#